data_7Q45
#
_entry.id   7Q45
#
_cell.length_a   108.390
_cell.length_b   108.390
_cell.length_c   242.310
_cell.angle_alpha   90.000
_cell.angle_beta   90.000
_cell.angle_gamma   90.000
#
_symmetry.space_group_name_H-M   'P 43 21 2'
#
loop_
_entity.id
_entity.type
_entity.pdbx_description
1 polymer 'E3 ubiquitin-protein ligase HERC2'
2 polymer 'Myelin transcription factor 1'
3 non-polymer 'CITRIC ACID'
4 water water
#
loop_
_entity_poly.entity_id
_entity_poly.type
_entity_poly.pdbx_seq_one_letter_code
_entity_poly.pdbx_strand_id
1 'polypeptide(L)'
;GAMGSLIRKKAAGLESAATIRTKVFVWGLNDKDQLGGLKGSKIKVPSFSETLSALNVVQVAGGSKSLFAVTVEGKVYACG
EATNGRLGLGISSGTVPIPRQITALSSYVVKKVAVHSGGRHATALTVDGKVFSWGEGDDGKLGHFSRMNCDKPRLIEALK
TKRIRDIACGSSHSAALTSSGELYTWGLGEYGRLGHGDNTTQLKPKMVKVLLGHRVIQVACGSRDAQTLALTDEGLVFSW
GDGDFGKLGRGGSEGCNIPQNIERLNGQGVCQIECGAQFSLALTKSGVVWTWGKGDYFRLGHGSDVHVRKPQVVEGLRGK
KIVHVAVGALHCLAVTDSGQVYAWGDNDHGQQGNGTTTVNRKPTLVQGLEGQKITRVACGSSHSVAWTTVDVATPSVHEP
VLFQT
;
A,C,E
2 'polypeptide(L)' RSDDDKDEDTHSRK B,D,F
#
# COMPACT_ATOMS: atom_id res chain seq x y z
N ARG A 21 -11.94 9.21 48.50
CA ARG A 21 -11.46 10.06 47.44
C ARG A 21 -10.72 9.35 46.30
N THR A 22 -11.24 9.49 45.09
CA THR A 22 -10.50 9.19 43.86
C THR A 22 -10.55 10.43 42.99
N LYS A 23 -9.40 11.08 42.80
CA LYS A 23 -9.30 12.23 41.92
C LYS A 23 -9.31 11.77 40.47
N VAL A 24 -10.11 12.44 39.63
CA VAL A 24 -10.25 12.08 38.22
C VAL A 24 -9.85 13.28 37.37
N PHE A 25 -9.02 13.02 36.36
CA PHE A 25 -8.52 14.05 35.45
C PHE A 25 -8.88 13.68 34.02
N VAL A 26 -9.32 14.67 33.25
CA VAL A 26 -9.79 14.45 31.89
C VAL A 26 -9.19 15.49 30.95
N TRP A 27 -9.03 15.09 29.68
CA TRP A 27 -8.56 16.01 28.65
C TRP A 27 -8.89 15.42 27.28
N GLY A 28 -8.69 16.24 26.25
CA GLY A 28 -9.02 15.85 24.89
C GLY A 28 -10.25 16.55 24.35
N LEU A 29 -10.91 15.92 23.37
CA LEU A 29 -12.06 16.54 22.73
C LEU A 29 -13.23 16.67 23.70
N ASN A 30 -13.94 17.80 23.63
CA ASN A 30 -15.03 18.10 24.54
C ASN A 30 -16.20 18.77 23.80
N ASP A 31 -16.36 18.48 22.50
CA ASP A 31 -17.40 19.13 21.66
C ASP A 31 -18.81 18.75 22.14
N LYS A 32 -18.99 17.54 22.63
CA LYS A 32 -20.32 17.06 23.10
C LYS A 32 -20.29 16.93 24.62
N ASP A 33 -19.41 17.68 25.30
CA ASP A 33 -19.29 17.65 26.76
C ASP A 33 -19.04 16.23 27.26
N GLN A 34 -18.27 15.45 26.49
CA GLN A 34 -17.91 14.11 26.91
C GLN A 34 -16.89 14.11 28.04
N LEU A 35 -16.36 15.28 28.41
CA LEU A 35 -15.47 15.39 29.55
C LEU A 35 -16.21 15.71 30.85
N GLY A 36 -17.52 15.94 30.78
CA GLY A 36 -18.35 15.97 31.98
C GLY A 36 -18.42 17.29 32.71
N GLY A 37 -18.15 18.41 32.05
CA GLY A 37 -18.37 19.70 32.68
C GLY A 37 -17.21 20.68 32.63
N LEU A 38 -16.49 20.73 31.51
CA LEU A 38 -15.44 21.68 31.28
C LEU A 38 -15.83 22.60 30.12
N LYS A 39 -15.29 23.80 30.10
CA LYS A 39 -15.56 24.74 29.02
C LYS A 39 -14.39 24.68 28.05
N GLY A 40 -14.67 24.77 26.76
CA GLY A 40 -13.68 24.56 25.73
C GLY A 40 -13.87 23.20 25.07
N SER A 41 -13.60 23.15 23.76
CA SER A 41 -13.78 21.93 23.00
C SER A 41 -12.51 21.09 22.87
N LYS A 42 -11.34 21.70 23.05
CA LYS A 42 -10.06 20.99 23.03
C LYS A 42 -9.36 21.26 24.36
N ILE A 43 -9.46 20.32 25.29
CA ILE A 43 -8.76 20.42 26.57
C ILE A 43 -7.38 19.79 26.39
N LYS A 44 -6.34 20.63 26.37
CA LYS A 44 -5.00 20.19 26.00
C LYS A 44 -4.14 19.80 27.19
N VAL A 45 -4.58 20.09 28.41
CA VAL A 45 -3.86 19.68 29.62
C VAL A 45 -4.83 18.92 30.51
N PRO A 46 -4.40 17.84 31.15
CA PRO A 46 -5.28 17.13 32.09
C PRO A 46 -5.89 18.10 33.08
N SER A 47 -7.21 17.98 33.27
CA SER A 47 -7.95 18.92 34.09
C SER A 47 -8.79 18.16 35.11
N PHE A 48 -8.68 18.56 36.37
CA PHE A 48 -9.45 17.96 37.45
C PHE A 48 -10.94 18.01 37.15
N SER A 49 -11.59 16.86 37.24
CA SER A 49 -13.04 16.76 37.03
C SER A 49 -13.70 16.63 38.40
N GLU A 50 -14.28 17.74 38.88
CA GLU A 50 -14.92 17.67 40.19
C GLU A 50 -16.20 16.85 40.15
N THR A 51 -16.91 16.84 39.03
CA THR A 51 -18.08 15.97 38.92
C THR A 51 -17.68 14.51 39.04
N LEU A 52 -16.64 14.10 38.31
CA LEU A 52 -16.23 12.70 38.33
C LEU A 52 -15.50 12.35 39.62
N SER A 53 -14.70 13.27 40.16
CA SER A 53 -14.01 12.99 41.41
C SER A 53 -14.98 12.81 42.57
N ALA A 54 -16.11 13.53 42.54
CA ALA A 54 -17.09 13.43 43.61
C ALA A 54 -17.77 12.07 43.65
N LEU A 55 -17.67 11.28 42.58
CA LEU A 55 -18.42 10.04 42.49
C LEU A 55 -17.75 8.87 43.20
N ASN A 56 -16.45 8.95 43.46
CA ASN A 56 -15.67 7.81 43.96
C ASN A 56 -15.74 6.66 42.97
N VAL A 57 -14.95 6.74 41.91
CA VAL A 57 -15.02 5.79 40.80
C VAL A 57 -14.11 4.61 41.05
N VAL A 58 -14.53 3.44 40.56
CA VAL A 58 -13.63 2.30 40.40
C VAL A 58 -13.22 2.12 38.94
N GLN A 59 -13.98 2.67 38.00
CA GLN A 59 -13.66 2.55 36.58
C GLN A 59 -14.25 3.71 35.82
N VAL A 60 -13.46 4.27 34.91
CA VAL A 60 -13.95 5.15 33.86
C VAL A 60 -13.69 4.47 32.54
N ALA A 61 -14.63 4.59 31.62
CA ALA A 61 -14.49 3.99 30.29
C ALA A 61 -14.94 5.00 29.25
N GLY A 62 -14.25 5.02 28.11
CA GLY A 62 -14.55 5.99 27.08
C GLY A 62 -15.02 5.36 25.78
N GLY A 63 -16.11 5.89 25.24
CA GLY A 63 -16.60 5.44 23.96
C GLY A 63 -16.50 6.53 22.92
N SER A 64 -17.24 6.39 21.82
CA SER A 64 -17.27 7.43 20.81
C SER A 64 -17.90 8.71 21.38
N LYS A 65 -17.06 9.69 21.70
CA LYS A 65 -17.51 10.98 22.24
C LYS A 65 -18.38 10.78 23.48
N SER A 66 -18.00 9.81 24.30
CA SER A 66 -18.82 9.43 25.45
C SER A 66 -17.91 9.00 26.59
N LEU A 67 -18.45 9.09 27.81
CA LEU A 67 -17.70 8.75 28.99
C LEU A 67 -18.63 8.05 29.98
N PHE A 68 -18.17 6.94 30.54
CA PHE A 68 -18.93 6.18 31.54
C PHE A 68 -18.08 6.01 32.79
N ALA A 69 -18.73 6.04 33.96
CA ALA A 69 -18.04 5.92 35.24
C ALA A 69 -18.79 4.96 36.13
N VAL A 70 -18.08 3.97 36.68
CA VAL A 70 -18.63 3.01 37.62
C VAL A 70 -18.07 3.34 38.99
N THR A 71 -18.95 3.48 39.97
CA THR A 71 -18.58 3.91 41.32
C THR A 71 -18.39 2.71 42.24
N VAL A 72 -17.78 2.97 43.40
CA VAL A 72 -17.60 1.93 44.40
C VAL A 72 -18.96 1.38 44.83
N GLU A 73 -19.95 2.26 44.95
CA GLU A 73 -21.32 1.86 45.25
C GLU A 73 -21.91 0.93 44.19
N GLY A 74 -21.31 0.86 43.01
CA GLY A 74 -21.81 -0.01 41.96
C GLY A 74 -22.79 0.65 41.02
N LYS A 75 -22.90 1.98 41.05
CA LYS A 75 -23.74 2.71 40.11
C LYS A 75 -22.93 3.07 38.87
N VAL A 76 -23.63 3.46 37.81
CA VAL A 76 -22.99 3.85 36.56
C VAL A 76 -23.47 5.24 36.19
N TYR A 77 -22.53 6.10 35.80
CA TYR A 77 -22.82 7.43 35.31
C TYR A 77 -22.28 7.58 33.90
N ALA A 78 -22.94 8.43 33.11
CA ALA A 78 -22.57 8.61 31.72
C ALA A 78 -22.76 10.07 31.33
N CYS A 79 -21.96 10.52 30.37
CA CYS A 79 -22.08 11.87 29.82
C CYS A 79 -21.55 11.86 28.40
N GLY A 80 -21.87 12.91 27.66
CA GLY A 80 -21.39 13.05 26.29
C GLY A 80 -22.47 12.99 25.24
N GLU A 81 -22.13 12.52 24.04
CA GLU A 81 -23.10 12.44 22.97
C GLU A 81 -24.10 11.32 23.23
N ALA A 82 -25.39 11.60 23.01
CA ALA A 82 -26.46 10.68 23.32
C ALA A 82 -27.03 9.98 22.09
N THR A 83 -26.54 10.28 20.90
CA THR A 83 -27.09 9.72 19.66
C THR A 83 -27.03 8.19 19.69
N ASN A 84 -27.94 7.55 18.97
CA ASN A 84 -28.03 6.08 18.96
C ASN A 84 -28.21 5.49 20.35
N GLY A 85 -28.47 6.33 21.34
CA GLY A 85 -28.55 5.90 22.72
C GLY A 85 -27.25 5.37 23.30
N ARG A 86 -26.11 6.04 23.03
CA ARG A 86 -24.84 5.47 23.49
C ARG A 86 -24.87 5.28 25.00
N LEU A 87 -25.48 6.25 25.70
CA LEU A 87 -25.29 6.43 27.13
C LEU A 87 -26.26 5.60 27.98
N GLY A 88 -27.28 5.01 27.36
CA GLY A 88 -28.21 4.18 28.11
C GLY A 88 -29.09 4.92 29.08
N LEU A 89 -29.39 6.20 28.80
CA LEU A 89 -30.19 7.02 29.69
C LEU A 89 -31.63 7.18 29.19
N GLY A 90 -32.06 6.33 28.26
CA GLY A 90 -33.40 6.42 27.72
C GLY A 90 -33.60 7.47 26.65
N ILE A 91 -32.53 8.11 26.17
CA ILE A 91 -32.62 9.18 25.18
C ILE A 91 -31.80 8.78 23.95
N SER A 92 -31.97 9.55 22.86
CA SER A 92 -31.40 9.15 21.58
C SER A 92 -30.92 10.30 20.70
N SER A 93 -30.87 11.53 21.17
CA SER A 93 -30.52 12.62 20.25
C SER A 93 -29.38 13.51 20.75
N GLY A 94 -29.61 14.25 21.83
CA GLY A 94 -28.76 15.37 22.15
C GLY A 94 -27.49 15.07 22.91
N THR A 95 -27.27 15.82 23.99
CA THR A 95 -26.04 15.77 24.78
C THR A 95 -26.39 15.67 26.26
N VAL A 96 -25.62 14.87 26.99
CA VAL A 96 -25.67 14.88 28.45
C VAL A 96 -24.39 15.53 28.95
N PRO A 97 -24.41 16.84 29.27
CA PRO A 97 -23.17 17.54 29.60
C PRO A 97 -22.65 17.31 31.00
N ILE A 98 -23.47 16.78 31.94
CA ILE A 98 -23.07 16.52 33.28
C ILE A 98 -23.30 14.98 33.54
N PRO A 99 -22.33 14.27 34.11
CA PRO A 99 -22.51 12.81 34.31
C PRO A 99 -23.82 12.45 35.00
N ARG A 100 -24.62 11.58 34.38
CA ARG A 100 -25.93 11.28 34.91
C ARG A 100 -26.09 9.78 35.11
N GLN A 101 -26.73 9.41 36.22
CA GLN A 101 -26.82 8.00 36.59
C GLN A 101 -27.70 7.23 35.63
N ILE A 102 -27.21 6.08 35.17
CA ILE A 102 -28.02 5.13 34.44
C ILE A 102 -28.94 4.45 35.44
N THR A 103 -30.12 5.06 35.65
CA THR A 103 -31.02 4.60 36.70
C THR A 103 -31.68 3.26 36.39
N ALA A 104 -31.64 2.82 35.13
CA ALA A 104 -32.12 1.48 34.80
C ALA A 104 -31.34 0.40 35.54
N LEU A 105 -30.13 0.71 35.99
CA LEU A 105 -29.26 -0.25 36.65
C LEU A 105 -29.14 0.00 38.16
N SER A 106 -29.94 0.92 38.71
CA SER A 106 -29.80 1.30 40.10
C SER A 106 -30.09 0.16 41.08
N SER A 107 -30.72 -0.93 40.64
CA SER A 107 -30.98 -2.07 41.49
C SER A 107 -29.90 -3.14 41.44
N TYR A 108 -28.80 -2.88 40.75
CA TYR A 108 -27.69 -3.82 40.65
C TYR A 108 -26.40 -3.13 41.05
N VAL A 109 -25.43 -3.94 41.45
CA VAL A 109 -24.08 -3.47 41.74
C VAL A 109 -23.25 -3.77 40.49
N VAL A 110 -23.01 -2.73 39.68
CA VAL A 110 -22.23 -2.90 38.46
C VAL A 110 -20.74 -2.90 38.80
N LYS A 111 -20.02 -3.85 38.22
CA LYS A 111 -18.59 -4.01 38.43
C LYS A 111 -17.75 -3.41 37.31
N LYS A 112 -18.25 -3.39 36.08
CA LYS A 112 -17.46 -2.94 34.94
C LYS A 112 -18.38 -2.60 33.78
N VAL A 113 -18.00 -1.57 33.03
CA VAL A 113 -18.63 -1.20 31.77
C VAL A 113 -17.62 -1.44 30.65
N ALA A 114 -18.07 -2.08 29.58
CA ALA A 114 -17.24 -2.33 28.40
C ALA A 114 -17.78 -1.53 27.23
N VAL A 115 -16.91 -0.74 26.60
CA VAL A 115 -17.25 0.06 25.44
C VAL A 115 -15.97 0.29 24.65
N HIS A 116 -16.10 0.34 23.32
CA HIS A 116 -14.95 0.61 22.49
C HIS A 116 -14.81 2.12 22.28
N SER A 117 -13.57 2.56 22.09
CA SER A 117 -13.31 3.98 21.88
C SER A 117 -14.08 4.53 20.70
N GLY A 118 -14.31 3.71 19.66
CA GLY A 118 -15.13 4.13 18.54
C GLY A 118 -16.49 3.46 18.51
N GLY A 119 -17.02 3.14 19.70
CA GLY A 119 -18.26 2.40 19.78
C GLY A 119 -19.46 3.22 20.19
N ARG A 120 -20.66 2.76 19.79
CA ARG A 120 -21.92 3.40 20.14
C ARG A 120 -22.84 2.46 20.91
N HIS A 121 -22.30 1.35 21.42
CA HIS A 121 -23.02 0.46 22.31
C HIS A 121 -22.07 0.06 23.44
N ALA A 122 -22.66 -0.41 24.53
CA ALA A 122 -21.87 -0.81 25.69
C ALA A 122 -22.56 -1.94 26.42
N THR A 123 -21.79 -2.63 27.26
CA THR A 123 -22.31 -3.64 28.16
C THR A 123 -21.89 -3.31 29.57
N ALA A 124 -22.60 -3.90 30.53
CA ALA A 124 -22.28 -3.73 31.94
C ALA A 124 -22.34 -5.10 32.62
N LEU A 125 -21.33 -5.39 33.44
CA LEU A 125 -21.24 -6.63 34.18
C LEU A 125 -21.41 -6.35 35.66
N THR A 126 -22.36 -7.04 36.29
CA THR A 126 -22.58 -6.88 37.72
C THR A 126 -21.69 -7.83 38.50
N VAL A 127 -21.60 -7.58 39.82
CA VAL A 127 -20.74 -8.40 40.66
C VAL A 127 -21.27 -9.84 40.74
N ASP A 128 -22.57 -10.04 40.57
CA ASP A 128 -23.14 -11.38 40.56
C ASP A 128 -23.22 -11.99 39.17
N GLY A 129 -22.54 -11.38 38.19
CA GLY A 129 -22.33 -12.02 36.91
C GLY A 129 -23.38 -11.79 35.85
N LYS A 130 -24.25 -10.80 36.01
CA LYS A 130 -25.25 -10.50 34.99
C LYS A 130 -24.70 -9.46 34.01
N VAL A 131 -25.13 -9.57 32.76
CA VAL A 131 -24.68 -8.68 31.70
C VAL A 131 -25.87 -7.95 31.10
N PHE A 132 -25.79 -6.62 31.07
CA PHE A 132 -26.74 -5.78 30.37
C PHE A 132 -26.05 -5.12 29.19
N SER A 133 -26.82 -4.81 28.15
CA SER A 133 -26.31 -4.11 26.99
C SER A 133 -27.29 -3.01 26.58
N TRP A 134 -26.77 -2.03 25.86
CA TRP A 134 -27.60 -0.90 25.44
C TRP A 134 -26.86 -0.13 24.34
N GLY A 135 -27.63 0.71 23.65
CA GLY A 135 -27.06 1.54 22.62
C GLY A 135 -27.43 1.11 21.22
N GLU A 136 -26.48 1.28 20.29
CA GLU A 136 -26.74 0.95 18.89
C GLU A 136 -26.90 -0.55 18.72
N GLY A 137 -27.94 -0.96 17.99
CA GLY A 137 -28.26 -2.36 17.85
C GLY A 137 -27.79 -3.04 16.59
N ASP A 138 -27.13 -2.32 15.68
CA ASP A 138 -26.79 -2.90 14.38
C ASP A 138 -26.03 -4.22 14.53
N ASP A 139 -26.35 -5.17 13.65
CA ASP A 139 -25.64 -6.44 13.52
C ASP A 139 -25.74 -7.32 14.76
N GLY A 140 -26.69 -7.04 15.66
CA GLY A 140 -26.93 -7.89 16.81
C GLY A 140 -25.94 -7.77 17.94
N LYS A 141 -25.14 -6.70 17.95
CA LYS A 141 -24.07 -6.54 18.93
C LYS A 141 -24.60 -6.43 20.36
N LEU A 142 -25.88 -6.10 20.55
CA LEU A 142 -26.44 -6.06 21.89
C LEU A 142 -26.83 -7.43 22.42
N GLY A 143 -27.01 -8.41 21.55
CA GLY A 143 -27.17 -9.79 21.96
C GLY A 143 -28.57 -10.24 22.34
N HIS A 144 -29.61 -9.60 21.79
CA HIS A 144 -30.98 -9.95 22.10
C HIS A 144 -31.73 -10.54 20.90
N PHE A 145 -31.03 -11.28 20.04
CA PHE A 145 -31.64 -11.94 18.88
C PHE A 145 -32.28 -10.96 17.91
N SER A 146 -31.80 -9.71 17.88
CA SER A 146 -32.38 -8.71 17.00
C SER A 146 -31.31 -7.68 16.64
N ARG A 147 -31.67 -6.81 15.70
CA ARG A 147 -30.84 -5.65 15.36
C ARG A 147 -31.41 -4.36 15.95
N MET A 148 -32.24 -4.47 16.98
CA MET A 148 -32.91 -3.31 17.55
C MET A 148 -31.99 -2.51 18.46
N ASN A 149 -32.12 -1.18 18.39
CA ASN A 149 -31.46 -0.30 19.34
C ASN A 149 -32.10 -0.46 20.72
N CYS A 150 -31.31 -0.16 21.76
CA CYS A 150 -31.78 -0.17 23.14
C CYS A 150 -31.35 1.14 23.79
N ASP A 151 -32.32 2.04 24.03
CA ASP A 151 -32.01 3.30 24.69
C ASP A 151 -31.68 3.13 26.16
N LYS A 152 -32.01 1.98 26.76
CA LYS A 152 -31.79 1.71 28.16
C LYS A 152 -31.19 0.32 28.27
N PRO A 153 -30.39 0.06 29.31
CA PRO A 153 -29.78 -1.27 29.46
C PRO A 153 -30.84 -2.37 29.49
N ARG A 154 -30.51 -3.49 28.85
CA ARG A 154 -31.39 -4.65 28.82
C ARG A 154 -30.56 -5.90 29.11
N LEU A 155 -31.08 -6.74 30.00
CA LEU A 155 -30.39 -7.98 30.35
C LEU A 155 -30.25 -8.88 29.14
N ILE A 156 -29.03 -9.37 28.90
CA ILE A 156 -28.78 -10.36 27.86
C ILE A 156 -29.26 -11.70 28.39
N GLU A 157 -30.49 -12.09 28.02
CA GLU A 157 -31.05 -13.33 28.52
C GLU A 157 -30.18 -14.53 28.18
N ALA A 158 -29.55 -14.53 26.99
CA ALA A 158 -28.79 -15.70 26.55
C ALA A 158 -27.69 -16.09 27.53
N LEU A 159 -27.20 -15.16 28.34
CA LEU A 159 -26.13 -15.42 29.28
C LEU A 159 -26.60 -15.62 30.72
N LYS A 160 -27.91 -15.77 30.94
CA LYS A 160 -28.40 -15.68 32.31
C LYS A 160 -27.88 -16.82 33.19
N THR A 161 -27.60 -17.98 32.59
CA THR A 161 -27.16 -19.16 33.33
C THR A 161 -25.63 -19.31 33.34
N LYS A 162 -24.89 -18.29 32.90
CA LYS A 162 -23.44 -18.32 32.93
C LYS A 162 -22.93 -17.25 33.88
N ARG A 163 -21.95 -17.61 34.70
CA ARG A 163 -21.30 -16.64 35.57
C ARG A 163 -20.23 -15.91 34.76
N ILE A 164 -20.63 -14.78 34.20
CA ILE A 164 -19.72 -13.99 33.36
C ILE A 164 -18.73 -13.25 34.26
N ARG A 165 -17.45 -13.30 33.89
CA ARG A 165 -16.38 -12.74 34.68
C ARG A 165 -15.72 -11.53 34.02
N ASP A 166 -15.88 -11.36 32.71
CA ASP A 166 -15.37 -10.18 32.03
C ASP A 166 -16.16 -9.96 30.74
N ILE A 167 -16.12 -8.71 30.26
CA ILE A 167 -16.84 -8.31 29.07
C ILE A 167 -15.95 -7.40 28.23
N ALA A 168 -16.24 -7.35 26.93
CA ALA A 168 -15.56 -6.43 26.04
C ALA A 168 -16.49 -6.10 24.88
N CYS A 169 -16.32 -4.91 24.32
CA CYS A 169 -17.10 -4.46 23.18
C CYS A 169 -16.19 -3.82 22.14
N GLY A 170 -16.43 -4.17 20.88
CA GLY A 170 -15.88 -3.45 19.77
C GLY A 170 -16.86 -2.42 19.23
N SER A 171 -16.59 -1.96 18.02
CA SER A 171 -17.54 -1.06 17.38
C SER A 171 -18.75 -1.81 16.84
N SER A 172 -18.57 -3.07 16.45
CA SER A 172 -19.62 -3.82 15.79
C SER A 172 -19.86 -5.21 16.35
N HIS A 173 -19.14 -5.62 17.40
CA HIS A 173 -19.39 -6.90 18.02
C HIS A 173 -19.07 -6.80 19.50
N SER A 174 -19.37 -7.87 20.24
CA SER A 174 -19.20 -7.87 21.68
C SER A 174 -18.72 -9.25 22.12
N ALA A 175 -18.24 -9.31 23.36
CA ALA A 175 -17.71 -10.56 23.89
C ALA A 175 -17.93 -10.60 25.40
N ALA A 176 -17.98 -11.83 25.92
CA ALA A 176 -18.04 -12.07 27.34
C ALA A 176 -17.35 -13.39 27.62
N LEU A 177 -16.79 -13.52 28.82
CA LEU A 177 -16.14 -14.75 29.21
C LEU A 177 -16.61 -15.18 30.58
N THR A 178 -16.72 -16.49 30.76
CA THR A 178 -17.22 -17.07 32.00
C THR A 178 -16.07 -17.36 32.95
N SER A 179 -16.43 -17.61 34.22
CA SER A 179 -15.43 -17.92 35.23
C SER A 179 -14.76 -19.26 34.96
N SER A 180 -15.44 -20.16 34.23
CA SER A 180 -14.79 -21.39 33.81
C SER A 180 -13.82 -21.16 32.65
N GLY A 181 -13.85 -19.99 32.02
CA GLY A 181 -12.89 -19.67 30.98
C GLY A 181 -13.38 -19.84 29.55
N GLU A 182 -14.68 -19.95 29.32
CA GLU A 182 -15.21 -20.03 27.97
C GLU A 182 -15.50 -18.62 27.45
N LEU A 183 -15.36 -18.44 26.14
CA LEU A 183 -15.52 -17.14 25.51
C LEU A 183 -16.73 -17.15 24.60
N TYR A 184 -17.56 -16.12 24.72
CA TYR A 184 -18.71 -15.88 23.84
C TYR A 184 -18.48 -14.62 23.02
N THR A 185 -18.93 -14.64 21.78
CA THR A 185 -18.90 -13.47 20.92
C THR A 185 -20.22 -13.39 20.17
N TRP A 186 -20.63 -12.16 19.86
CA TRP A 186 -21.81 -11.93 19.04
C TRP A 186 -21.70 -10.59 18.36
N GLY A 187 -22.51 -10.39 17.33
CA GLY A 187 -22.46 -9.16 16.56
C GLY A 187 -22.13 -9.39 15.10
N LEU A 188 -21.56 -8.37 14.46
CA LEU A 188 -21.25 -8.43 13.04
C LEU A 188 -20.26 -9.55 12.74
N GLY A 189 -20.62 -10.44 11.82
CA GLY A 189 -19.76 -11.54 11.48
C GLY A 189 -18.71 -11.24 10.43
N GLU A 190 -18.86 -10.13 9.71
CA GLU A 190 -18.02 -9.86 8.55
C GLU A 190 -16.54 -9.85 8.90
N TYR A 191 -15.73 -10.41 8.00
CA TYR A 191 -14.28 -10.48 8.12
C TYR A 191 -13.81 -11.31 9.32
N GLY A 192 -14.70 -12.13 9.87
CA GLY A 192 -14.31 -13.19 10.79
C GLY A 192 -14.05 -12.79 12.23
N ARG A 193 -14.51 -11.62 12.66
CA ARG A 193 -14.14 -11.12 13.98
C ARG A 193 -14.77 -11.92 15.12
N LEU A 194 -15.80 -12.73 14.85
CA LEU A 194 -16.45 -13.48 15.92
C LEU A 194 -15.75 -14.79 16.25
N GLY A 195 -15.01 -15.36 15.30
CA GLY A 195 -14.15 -16.50 15.60
C GLY A 195 -14.78 -17.87 15.50
N HIS A 196 -15.91 -18.01 14.79
CA HIS A 196 -16.64 -19.27 14.73
C HIS A 196 -16.40 -20.05 13.43
N GLY A 197 -15.39 -19.67 12.64
CA GLY A 197 -15.08 -20.40 11.43
C GLY A 197 -15.87 -20.00 10.21
N ASP A 198 -16.73 -18.99 10.31
CA ASP A 198 -17.42 -18.42 9.16
C ASP A 198 -17.49 -16.91 9.37
N ASN A 199 -18.20 -16.23 8.49
CA ASN A 199 -18.39 -14.79 8.58
C ASN A 199 -19.83 -14.42 8.90
N THR A 200 -20.56 -15.33 9.54
CA THR A 200 -21.99 -15.15 9.77
C THR A 200 -22.23 -14.27 10.99
N THR A 201 -23.08 -13.26 10.82
CA THR A 201 -23.50 -12.44 11.94
C THR A 201 -24.24 -13.28 12.97
N GLN A 202 -23.93 -13.06 14.24
CA GLN A 202 -24.60 -13.73 15.35
C GLN A 202 -25.38 -12.68 16.14
N LEU A 203 -26.70 -12.77 16.10
CA LEU A 203 -27.55 -11.92 16.93
C LEU A 203 -27.58 -12.41 18.38
N LYS A 204 -26.94 -13.54 18.66
CA LYS A 204 -26.97 -14.20 19.94
C LYS A 204 -25.53 -14.48 20.40
N PRO A 205 -25.28 -14.41 21.71
CA PRO A 205 -23.97 -14.87 22.22
C PRO A 205 -23.72 -16.30 21.78
N LYS A 206 -22.55 -16.54 21.20
CA LYS A 206 -22.17 -17.85 20.69
C LYS A 206 -20.79 -18.21 21.21
N MET A 207 -20.63 -19.43 21.71
CA MET A 207 -19.36 -19.87 22.27
C MET A 207 -18.34 -20.14 21.18
N VAL A 208 -17.10 -19.69 21.42
CA VAL A 208 -15.99 -19.93 20.51
C VAL A 208 -15.42 -21.32 20.79
N LYS A 209 -15.89 -22.33 20.05
CA LYS A 209 -15.54 -23.71 20.36
C LYS A 209 -14.06 -24.00 20.16
N VAL A 210 -13.40 -23.25 19.28
CA VAL A 210 -11.99 -23.50 19.00
C VAL A 210 -11.12 -23.26 20.23
N LEU A 211 -11.58 -22.47 21.19
CA LEU A 211 -10.80 -22.14 22.38
C LEU A 211 -11.13 -22.98 23.60
N LEU A 212 -12.04 -23.94 23.50
CA LEU A 212 -12.23 -24.87 24.61
C LEU A 212 -10.94 -25.63 24.87
N GLY A 213 -10.66 -25.87 26.14
CA GLY A 213 -9.36 -26.36 26.56
C GLY A 213 -8.38 -25.28 26.94
N HIS A 214 -8.64 -24.03 26.55
CA HIS A 214 -7.93 -22.86 27.06
C HIS A 214 -8.85 -22.10 27.98
N ARG A 215 -8.30 -21.61 29.10
CA ARG A 215 -9.05 -20.79 30.04
C ARG A 215 -8.80 -19.32 29.68
N VAL A 216 -9.76 -18.72 28.98
CA VAL A 216 -9.63 -17.34 28.52
C VAL A 216 -9.91 -16.39 29.68
N ILE A 217 -9.02 -15.42 29.87
CA ILE A 217 -9.14 -14.51 31.00
C ILE A 217 -9.34 -13.07 30.59
N GLN A 218 -8.95 -12.67 29.40
CA GLN A 218 -9.39 -11.39 28.89
C GLN A 218 -9.69 -11.55 27.41
N VAL A 219 -10.47 -10.60 26.89
CA VAL A 219 -10.74 -10.48 25.46
C VAL A 219 -10.83 -8.99 25.13
N ALA A 220 -10.37 -8.62 23.93
CA ALA A 220 -10.47 -7.25 23.46
C ALA A 220 -10.99 -7.26 22.03
N CYS A 221 -11.82 -6.27 21.69
CA CYS A 221 -12.46 -6.19 20.39
C CYS A 221 -12.12 -4.86 19.72
N GLY A 222 -11.90 -4.90 18.41
CA GLY A 222 -11.53 -3.72 17.65
C GLY A 222 -12.74 -3.06 16.99
N SER A 223 -12.45 -2.10 16.13
CA SER A 223 -13.48 -1.30 15.48
C SER A 223 -13.36 -1.37 13.96
N ARG A 224 -14.43 -0.90 13.30
CA ARG A 224 -14.60 -0.95 11.86
C ARG A 224 -14.32 -2.36 11.34
N ASP A 225 -13.38 -2.51 10.41
CA ASP A 225 -12.96 -3.85 9.99
C ASP A 225 -12.07 -4.38 11.10
N ALA A 226 -12.68 -5.08 12.05
CA ALA A 226 -12.12 -5.25 13.38
C ALA A 226 -11.40 -6.58 13.55
N GLN A 227 -10.41 -6.57 14.45
CA GLN A 227 -9.80 -7.77 14.98
C GLN A 227 -10.41 -8.09 16.35
N THR A 228 -10.04 -9.25 16.88
CA THR A 228 -10.38 -9.63 18.25
C THR A 228 -9.16 -10.28 18.86
N LEU A 229 -8.92 -10.01 20.14
CA LEU A 229 -7.81 -10.60 20.87
C LEU A 229 -8.32 -11.32 22.10
N ALA A 230 -7.66 -12.43 22.44
CA ALA A 230 -7.98 -13.19 23.64
C ALA A 230 -6.69 -13.58 24.34
N LEU A 231 -6.76 -13.69 25.66
CA LEU A 231 -5.63 -14.04 26.50
C LEU A 231 -6.03 -15.17 27.43
N THR A 232 -5.23 -16.23 27.47
CA THR A 232 -5.49 -17.36 28.34
C THR A 232 -4.70 -17.23 29.63
N ASP A 233 -5.06 -18.05 30.62
CA ASP A 233 -4.39 -18.00 31.92
C ASP A 233 -2.98 -18.55 31.86
N GLU A 234 -2.59 -19.21 30.77
CA GLU A 234 -1.21 -19.63 30.55
C GLU A 234 -0.39 -18.56 29.83
N GLY A 235 -0.96 -17.39 29.56
CA GLY A 235 -0.25 -16.32 28.90
C GLY A 235 -0.33 -16.34 27.39
N LEU A 236 -1.12 -17.23 26.80
CA LEU A 236 -1.23 -17.31 25.36
C LEU A 236 -2.18 -16.24 24.84
N VAL A 237 -1.75 -15.52 23.80
CA VAL A 237 -2.54 -14.49 23.15
C VAL A 237 -3.00 -15.03 21.81
N PHE A 238 -4.30 -14.93 21.54
CA PHE A 238 -4.89 -15.32 20.27
C PHE A 238 -5.49 -14.10 19.60
N SER A 239 -5.55 -14.14 18.27
CA SER A 239 -6.12 -13.06 17.48
C SER A 239 -6.85 -13.64 16.29
N TRP A 240 -7.89 -12.93 15.84
CA TRP A 240 -8.62 -13.34 14.64
C TRP A 240 -9.43 -12.15 14.14
N GLY A 241 -10.10 -12.34 13.01
CA GLY A 241 -10.85 -11.27 12.39
C GLY A 241 -10.09 -10.60 11.26
N ASP A 242 -10.32 -9.30 11.09
CA ASP A 242 -9.76 -8.58 9.96
C ASP A 242 -8.25 -8.45 10.08
N GLY A 243 -7.56 -8.63 8.95
CA GLY A 243 -6.11 -8.66 8.95
C GLY A 243 -5.41 -7.42 8.44
N ASP A 244 -6.16 -6.41 7.99
CA ASP A 244 -5.56 -5.19 7.46
C ASP A 244 -4.51 -4.64 8.42
N PHE A 245 -3.42 -4.12 7.84
CA PHE A 245 -2.36 -3.41 8.54
C PHE A 245 -1.63 -4.28 9.55
N GLY A 246 -1.83 -5.60 9.52
CA GLY A 246 -1.10 -6.48 10.40
C GLY A 246 -1.53 -6.46 11.85
N LYS A 247 -2.77 -6.04 12.14
CA LYS A 247 -3.21 -5.96 13.52
C LYS A 247 -3.49 -7.31 14.14
N LEU A 248 -3.44 -8.39 13.36
CA LEU A 248 -3.53 -9.73 13.94
C LEU A 248 -2.19 -10.20 14.51
N GLY A 249 -1.10 -9.54 14.15
CA GLY A 249 0.19 -9.78 14.77
C GLY A 249 0.97 -10.95 14.22
N ARG A 250 0.58 -11.49 13.07
CA ARG A 250 1.26 -12.64 12.50
C ARG A 250 1.77 -12.35 11.09
N GLY A 251 2.06 -11.09 10.81
CA GLY A 251 2.64 -10.68 9.55
C GLY A 251 1.60 -10.49 8.46
N GLY A 252 2.01 -9.72 7.44
CA GLY A 252 1.15 -9.54 6.27
C GLY A 252 -0.16 -8.87 6.61
N SER A 253 -1.23 -9.30 5.93
CA SER A 253 -2.52 -8.65 6.10
C SER A 253 -3.70 -9.60 5.90
N GLU A 254 -3.49 -10.91 6.00
CA GLU A 254 -4.58 -11.86 5.76
C GLU A 254 -5.43 -12.01 7.02
N GLY A 255 -6.74 -11.84 6.86
CA GLY A 255 -7.65 -12.06 7.97
C GLY A 255 -7.95 -13.53 8.18
N CYS A 256 -8.69 -13.81 9.24
CA CYS A 256 -9.08 -15.18 9.56
C CYS A 256 -10.30 -15.15 10.47
N ASN A 257 -11.10 -16.21 10.41
CA ASN A 257 -12.27 -16.36 11.27
C ASN A 257 -12.10 -17.47 12.29
N ILE A 258 -10.86 -17.88 12.55
CA ILE A 258 -10.55 -18.88 13.57
C ILE A 258 -9.44 -18.31 14.45
N PRO A 259 -9.56 -18.39 15.77
CA PRO A 259 -8.48 -17.89 16.64
C PRO A 259 -7.15 -18.54 16.33
N GLN A 260 -6.12 -17.72 16.19
CA GLN A 260 -4.75 -18.19 15.98
C GLN A 260 -3.85 -17.58 17.05
N ASN A 261 -2.89 -18.39 17.50
CA ASN A 261 -1.92 -17.94 18.49
C ASN A 261 -0.98 -16.90 17.90
N ILE A 262 -0.78 -15.79 18.61
CA ILE A 262 0.26 -14.84 18.24
C ILE A 262 1.56 -15.36 18.88
N GLU A 263 2.36 -16.06 18.08
CA GLU A 263 3.50 -16.79 18.62
C GLU A 263 4.50 -15.86 19.29
N ARG A 264 4.67 -14.65 18.76
CA ARG A 264 5.72 -13.76 19.25
C ARG A 264 5.55 -13.41 20.72
N LEU A 265 4.31 -13.42 21.22
CA LEU A 265 4.05 -13.04 22.61
C LEU A 265 4.04 -14.21 23.57
N ASN A 266 4.19 -15.44 23.09
CA ASN A 266 4.30 -16.58 23.99
C ASN A 266 5.50 -16.40 24.93
N GLY A 267 5.29 -16.73 26.21
CA GLY A 267 6.34 -16.61 27.19
C GLY A 267 6.63 -15.21 27.68
N GLN A 268 5.90 -14.20 27.18
CA GLN A 268 6.16 -12.81 27.55
C GLN A 268 5.42 -12.38 28.80
N GLY A 269 4.51 -13.19 29.32
CA GLY A 269 3.77 -12.83 30.51
C GLY A 269 2.76 -11.72 30.30
N VAL A 270 2.09 -11.71 29.14
CA VAL A 270 1.09 -10.71 28.85
C VAL A 270 -0.04 -10.79 29.86
N CYS A 271 -0.43 -9.65 30.43
CA CYS A 271 -1.51 -9.60 31.40
C CYS A 271 -2.65 -8.67 31.00
N GLN A 272 -2.49 -7.88 29.95
CA GLN A 272 -3.58 -7.00 29.50
C GLN A 272 -3.49 -6.79 28.00
N ILE A 273 -4.64 -6.81 27.34
CA ILE A 273 -4.77 -6.66 25.89
C ILE A 273 -5.83 -5.62 25.58
N GLU A 274 -5.58 -4.82 24.55
CA GLU A 274 -6.50 -3.78 24.13
C GLU A 274 -6.47 -3.66 22.62
N CYS A 275 -7.55 -3.12 22.06
CA CYS A 275 -7.66 -2.85 20.63
C CYS A 275 -8.09 -1.41 20.44
N GLY A 276 -7.24 -0.61 19.81
CA GLY A 276 -7.61 0.72 19.36
C GLY A 276 -8.26 0.66 18.01
N ALA A 277 -8.13 1.74 17.25
CA ALA A 277 -8.60 1.77 15.87
C ALA A 277 -7.53 1.15 14.98
N GLN A 278 -7.78 -0.08 14.52
CA GLN A 278 -6.92 -0.80 13.58
C GLN A 278 -5.55 -1.13 14.16
N PHE A 279 -5.39 -1.14 15.48
CA PHE A 279 -4.12 -1.58 16.06
C PHE A 279 -4.38 -2.31 17.36
N SER A 280 -3.37 -3.05 17.80
CA SER A 280 -3.44 -3.89 18.99
C SER A 280 -2.33 -3.51 19.95
N LEU A 281 -2.55 -3.78 21.23
CA LEU A 281 -1.58 -3.47 22.26
C LEU A 281 -1.65 -4.53 23.35
N ALA A 282 -0.50 -4.89 23.89
CA ALA A 282 -0.41 -5.83 25.01
C ALA A 282 0.57 -5.30 26.04
N LEU A 283 0.21 -5.50 27.31
CA LEU A 283 1.07 -5.14 28.43
C LEU A 283 1.44 -6.41 29.19
N THR A 284 2.67 -6.48 29.68
CA THR A 284 3.11 -7.66 30.39
C THR A 284 3.23 -7.41 31.88
N LYS A 285 3.32 -8.52 32.60
CA LYS A 285 3.47 -8.49 34.05
C LYS A 285 4.72 -7.74 34.47
N SER A 286 5.81 -7.94 33.74
CA SER A 286 7.07 -7.25 34.02
C SER A 286 7.07 -5.81 33.55
N GLY A 287 6.01 -5.36 32.88
CA GLY A 287 5.83 -3.95 32.62
C GLY A 287 6.17 -3.45 31.23
N VAL A 288 6.31 -4.33 30.25
CA VAL A 288 6.66 -3.90 28.90
C VAL A 288 5.38 -3.80 28.09
N VAL A 289 5.39 -2.93 27.08
CA VAL A 289 4.25 -2.66 26.21
C VAL A 289 4.62 -3.07 24.79
N TRP A 290 3.77 -3.87 24.17
CA TRP A 290 3.90 -4.26 22.76
C TRP A 290 2.75 -3.66 21.97
N THR A 291 3.04 -3.15 20.77
CA THR A 291 1.99 -2.67 19.88
C THR A 291 2.24 -3.18 18.47
N TRP A 292 1.17 -3.26 17.69
CA TRP A 292 1.25 -3.64 16.29
C TRP A 292 -0.05 -3.23 15.60
N GLY A 293 0.04 -3.05 14.29
CA GLY A 293 -1.12 -2.67 13.50
C GLY A 293 -0.91 -1.45 12.64
N LYS A 294 -1.97 -0.68 12.42
CA LYS A 294 -1.92 0.48 11.56
C LYS A 294 -1.04 1.56 12.19
N GLY A 295 -0.14 2.14 11.39
CA GLY A 295 0.82 3.07 11.94
C GLY A 295 0.46 4.54 11.80
N ASP A 296 -0.59 4.84 11.04
CA ASP A 296 -0.81 6.23 10.65
C ASP A 296 -1.08 7.08 11.88
N TYR A 297 -0.53 8.30 11.86
CA TYR A 297 -0.70 9.28 12.93
C TYR A 297 -0.08 8.81 14.25
N PHE A 298 0.84 7.84 14.17
CA PHE A 298 1.77 7.51 15.25
C PHE A 298 1.11 6.83 16.43
N ARG A 299 0.00 6.12 16.20
CA ARG A 299 -0.74 5.49 17.28
C ARG A 299 0.03 4.34 17.92
N LEU A 300 1.10 3.84 17.29
CA LEU A 300 1.82 2.69 17.81
C LEU A 300 2.95 3.04 18.75
N GLY A 301 3.47 4.27 18.70
CA GLY A 301 4.46 4.72 19.65
C GLY A 301 5.89 4.33 19.37
N HIS A 302 6.20 3.92 18.14
CA HIS A 302 7.56 3.51 17.78
C HIS A 302 8.36 4.64 17.13
N GLY A 303 7.81 5.85 17.08
CA GLY A 303 8.51 7.01 16.55
C GLY A 303 8.25 7.30 15.08
N SER A 304 7.77 6.32 14.34
CA SER A 304 7.40 6.49 12.94
C SER A 304 5.93 6.13 12.76
N ASP A 305 5.38 6.41 11.58
CA ASP A 305 4.00 6.11 11.29
C ASP A 305 3.84 4.95 10.30
N VAL A 306 4.85 4.07 10.22
CA VAL A 306 4.73 2.88 9.39
C VAL A 306 3.90 1.82 10.12
N HIS A 307 3.34 0.90 9.35
CA HIS A 307 2.63 -0.22 9.94
C HIS A 307 3.62 -1.20 10.57
N VAL A 308 3.12 -1.97 11.54
CA VAL A 308 3.91 -2.96 12.26
C VAL A 308 3.07 -4.22 12.35
N ARG A 309 3.50 -5.27 11.66
CA ARG A 309 2.64 -6.43 11.38
C ARG A 309 2.89 -7.61 12.30
N LYS A 310 3.89 -7.52 13.17
CA LYS A 310 4.08 -8.42 14.29
C LYS A 310 4.37 -7.57 15.53
N PRO A 311 3.98 -8.02 16.72
CA PRO A 311 4.15 -7.18 17.91
C PRO A 311 5.59 -6.72 18.11
N GLN A 312 5.73 -5.45 18.49
CA GLN A 312 7.04 -4.86 18.75
C GLN A 312 7.00 -4.09 20.06
N VAL A 313 8.04 -4.26 20.87
CA VAL A 313 8.13 -3.56 22.14
C VAL A 313 8.22 -2.06 21.89
N VAL A 314 7.41 -1.29 22.62
CA VAL A 314 7.51 0.16 22.59
C VAL A 314 8.78 0.55 23.35
N GLU A 315 9.86 0.84 22.60
CA GLU A 315 11.15 1.11 23.21
C GLU A 315 11.12 2.38 24.06
N GLY A 316 10.28 3.34 23.70
CA GLY A 316 10.18 4.58 24.46
C GLY A 316 9.79 4.41 25.91
N LEU A 317 9.32 3.22 26.29
CA LEU A 317 8.96 2.92 27.67
C LEU A 317 9.87 1.87 28.31
N ARG A 318 10.94 1.47 27.62
CA ARG A 318 11.86 0.49 28.20
C ARG A 318 12.47 1.05 29.48
N GLY A 319 12.50 0.23 30.53
CA GLY A 319 12.97 0.66 31.82
C GLY A 319 11.92 1.30 32.71
N LYS A 320 10.71 1.50 32.20
CA LYS A 320 9.60 2.03 33.00
C LYS A 320 8.59 0.92 33.22
N LYS A 321 8.32 0.61 34.48
CA LYS A 321 7.38 -0.45 34.82
C LYS A 321 5.97 0.07 34.63
N ILE A 322 5.36 -0.27 33.50
CA ILE A 322 4.00 0.15 33.20
C ILE A 322 3.04 -0.80 33.92
N VAL A 323 2.09 -0.23 34.65
CA VAL A 323 1.12 -1.03 35.40
C VAL A 323 -0.28 -0.99 34.82
N HIS A 324 -0.60 -0.02 33.96
CA HIS A 324 -1.91 0.03 33.34
C HIS A 324 -1.82 0.82 32.04
N VAL A 325 -2.60 0.38 31.05
CA VAL A 325 -2.61 1.01 29.74
C VAL A 325 -4.06 1.21 29.30
N ALA A 326 -4.23 2.11 28.33
CA ALA A 326 -5.52 2.34 27.71
C ALA A 326 -5.30 2.85 26.30
N VAL A 327 -6.22 2.52 25.40
CA VAL A 327 -6.12 2.91 24.01
C VAL A 327 -7.38 3.65 23.61
N GLY A 328 -7.20 4.76 22.89
CA GLY A 328 -8.27 5.40 22.17
C GLY A 328 -8.28 4.95 20.73
N ALA A 329 -8.85 5.80 19.87
CA ALA A 329 -8.79 5.53 18.44
C ALA A 329 -7.36 5.67 17.93
N LEU A 330 -6.75 6.83 18.14
CA LEU A 330 -5.43 7.11 17.60
C LEU A 330 -4.40 7.44 18.67
N HIS A 331 -4.71 7.23 19.95
CA HIS A 331 -3.75 7.54 21.00
C HIS A 331 -3.78 6.45 22.07
N CYS A 332 -2.70 6.42 22.87
CA CYS A 332 -2.53 5.45 23.94
C CYS A 332 -2.04 6.14 25.19
N LEU A 333 -2.38 5.56 26.34
CA LEU A 333 -1.97 6.04 27.65
C LEU A 333 -1.37 4.89 28.46
N ALA A 334 -0.31 5.17 29.21
CA ALA A 334 0.34 4.16 30.03
C ALA A 334 0.81 4.78 31.33
N VAL A 335 0.57 4.08 32.44
CA VAL A 335 0.90 4.56 33.78
C VAL A 335 2.06 3.75 34.31
N THR A 336 3.06 4.43 34.86
CA THR A 336 4.15 3.75 35.53
C THR A 336 3.74 3.38 36.96
N ASP A 337 4.53 2.49 37.56
CA ASP A 337 4.25 2.08 38.93
C ASP A 337 4.45 3.23 39.92
N SER A 338 5.08 4.32 39.49
CA SER A 338 5.26 5.52 40.32
C SER A 338 4.25 6.61 40.01
N GLY A 339 3.19 6.29 39.24
CA GLY A 339 2.10 7.22 39.04
C GLY A 339 2.26 8.20 37.91
N GLN A 340 3.25 8.03 37.04
CA GLN A 340 3.44 8.92 35.90
C GLN A 340 2.73 8.37 34.69
N VAL A 341 2.12 9.26 33.91
CA VAL A 341 1.33 8.91 32.74
C VAL A 341 2.09 9.32 31.49
N TYR A 342 2.22 8.38 30.56
CA TYR A 342 2.82 8.66 29.25
C TYR A 342 1.76 8.50 28.18
N ALA A 343 1.85 9.35 27.15
CA ALA A 343 0.92 9.32 26.03
C ALA A 343 1.68 9.37 24.72
N TRP A 344 1.11 8.73 23.71
CA TRP A 344 1.65 8.84 22.35
C TRP A 344 0.49 8.75 21.37
N GLY A 345 0.72 9.28 20.18
CA GLY A 345 -0.26 9.23 19.11
C GLY A 345 -0.79 10.60 18.72
N ASP A 346 -1.97 10.59 18.11
CA ASP A 346 -2.54 11.78 17.50
C ASP A 346 -2.99 12.79 18.55
N ASN A 347 -3.06 14.06 18.14
CA ASN A 347 -3.30 15.14 19.08
C ASN A 347 -4.17 16.24 18.47
N ASP A 348 -5.02 15.89 17.50
CA ASP A 348 -5.87 16.91 16.87
C ASP A 348 -6.72 17.65 17.89
N HIS A 349 -7.09 17.00 18.98
CA HIS A 349 -8.02 17.57 19.95
C HIS A 349 -7.40 17.72 21.34
N GLY A 350 -6.08 17.62 21.46
CA GLY A 350 -5.42 17.75 22.73
C GLY A 350 -5.36 16.47 23.55
N GLN A 351 -5.77 15.33 23.00
CA GLN A 351 -5.85 14.11 23.78
C GLN A 351 -4.50 13.59 24.25
N GLN A 352 -3.39 14.14 23.75
CA GLN A 352 -2.07 13.77 24.26
C GLN A 352 -1.75 14.40 25.61
N GLY A 353 -2.41 15.50 25.97
CA GLY A 353 -2.10 16.18 27.21
C GLY A 353 -0.71 16.77 27.27
N ASN A 354 -0.22 17.31 26.15
CA ASN A 354 1.06 18.03 26.14
C ASN A 354 0.87 19.53 25.97
N GLY A 355 -0.34 20.05 26.19
CA GLY A 355 -0.61 21.46 26.10
C GLY A 355 -0.73 22.01 24.70
N THR A 356 -0.57 21.17 23.68
CA THR A 356 -0.63 21.61 22.29
C THR A 356 -1.55 20.70 21.50
N THR A 357 -1.55 20.84 20.17
CA THR A 357 -2.18 19.86 19.29
C THR A 357 -1.13 19.15 18.45
N THR A 358 0.08 19.01 18.98
CA THR A 358 1.18 18.37 18.29
C THR A 358 1.22 16.88 18.62
N VAL A 359 1.32 16.05 17.59
CA VAL A 359 1.45 14.61 17.76
C VAL A 359 2.60 14.29 18.69
N ASN A 360 2.40 13.28 19.55
CA ASN A 360 3.49 12.62 20.25
C ASN A 360 3.91 11.42 19.42
N ARG A 361 5.07 11.52 18.75
CA ARG A 361 5.54 10.41 17.93
C ARG A 361 6.05 9.27 18.80
N LYS A 362 6.56 9.58 19.98
CA LYS A 362 7.07 8.61 20.95
C LYS A 362 6.37 8.84 22.27
N PRO A 363 6.40 7.87 23.20
CA PRO A 363 5.75 8.08 24.50
C PRO A 363 6.32 9.28 25.23
N THR A 364 5.42 10.14 25.70
CA THR A 364 5.78 11.43 26.26
C THR A 364 5.09 11.63 27.60
N LEU A 365 5.83 12.18 28.56
CA LEU A 365 5.27 12.44 29.88
C LEU A 365 4.12 13.44 29.77
N VAL A 366 2.98 13.07 30.34
CA VAL A 366 1.81 13.95 30.31
C VAL A 366 1.97 15.05 31.34
N GLN A 367 1.68 16.28 30.93
CA GLN A 367 1.83 17.47 31.75
C GLN A 367 0.70 17.56 32.78
N GLY A 368 0.99 18.22 33.90
CA GLY A 368 -0.04 18.67 34.82
C GLY A 368 -0.52 17.67 35.84
N LEU A 369 0.16 16.53 36.01
CA LEU A 369 -0.27 15.52 36.96
C LEU A 369 0.75 15.27 38.07
N GLU A 370 1.81 16.07 38.15
CA GLU A 370 2.85 15.82 39.14
C GLU A 370 2.30 15.99 40.56
N GLY A 371 2.59 15.03 41.42
CA GLY A 371 2.00 14.98 42.73
C GLY A 371 0.68 14.23 42.80
N GLN A 372 0.15 13.81 41.65
CA GLN A 372 -1.02 12.95 41.58
C GLN A 372 -0.54 11.55 41.23
N LYS A 373 -0.64 10.63 42.19
CA LYS A 373 -0.20 9.26 41.97
C LYS A 373 -1.31 8.53 41.21
N ILE A 374 -1.25 8.63 39.88
CA ILE A 374 -2.24 7.99 39.02
C ILE A 374 -2.03 6.48 39.05
N THR A 375 -3.14 5.74 39.16
CA THR A 375 -3.10 4.29 39.09
C THR A 375 -3.81 3.71 37.88
N ARG A 376 -4.64 4.50 37.20
CA ARG A 376 -5.48 3.97 36.13
C ARG A 376 -5.69 5.04 35.07
N VAL A 377 -5.74 4.62 33.81
CA VAL A 377 -6.08 5.50 32.69
C VAL A 377 -7.22 4.89 31.89
N ALA A 378 -7.85 5.75 31.09
CA ALA A 378 -8.91 5.33 30.19
C ALA A 378 -8.92 6.29 29.02
N CYS A 379 -9.40 5.81 27.88
CA CYS A 379 -9.52 6.61 26.68
C CYS A 379 -10.88 6.40 26.03
N GLY A 380 -11.39 7.48 25.44
CA GLY A 380 -12.43 7.40 24.44
C GLY A 380 -11.85 7.60 23.06
N SER A 381 -12.76 7.85 22.11
CA SER A 381 -12.33 8.07 20.72
C SER A 381 -11.24 9.13 20.63
N SER A 382 -11.46 10.28 21.26
CA SER A 382 -10.52 11.40 21.15
C SER A 382 -10.28 12.08 22.48
N HIS A 383 -10.50 11.41 23.61
CA HIS A 383 -10.34 12.02 24.91
C HIS A 383 -9.65 11.05 25.86
N SER A 384 -9.21 11.55 27.01
CA SER A 384 -8.33 10.81 27.88
C SER A 384 -8.73 11.03 29.35
N VAL A 385 -8.50 10.01 30.17
CA VAL A 385 -8.84 10.03 31.59
C VAL A 385 -7.71 9.41 32.39
N ALA A 386 -7.41 9.99 33.55
CA ALA A 386 -6.50 9.41 34.51
C ALA A 386 -7.08 9.63 35.91
N TRP A 387 -6.93 8.65 36.79
CA TRP A 387 -7.45 8.81 38.14
C TRP A 387 -6.59 8.04 39.14
N THR A 388 -6.68 8.48 40.39
CA THR A 388 -5.91 7.97 41.50
C THR A 388 -6.76 7.03 42.34
N THR A 389 -6.20 6.60 43.47
CA THR A 389 -6.89 5.87 44.54
C THR A 389 -5.90 5.48 45.64
N THR B 22 -19.48 4.14 -2.55
CA THR B 22 -19.10 5.46 -2.04
C THR B 22 -17.61 5.78 -1.84
N LYS B 23 -16.69 4.83 -1.73
CA LYS B 23 -15.26 5.17 -1.79
C LYS B 23 -14.70 4.72 -3.13
N VAL B 24 -14.37 5.69 -3.97
CA VAL B 24 -13.95 5.45 -5.35
C VAL B 24 -12.49 5.86 -5.50
N PHE B 25 -11.70 5.02 -6.17
CA PHE B 25 -10.30 5.29 -6.47
C PHE B 25 -10.08 5.17 -7.97
N VAL B 26 -9.27 6.07 -8.52
CA VAL B 26 -9.02 6.16 -9.95
C VAL B 26 -7.52 6.24 -10.19
N TRP B 27 -7.10 5.81 -11.39
CA TRP B 27 -5.72 5.97 -11.81
C TRP B 27 -5.64 5.76 -13.32
N GLY B 28 -4.47 6.08 -13.88
CA GLY B 28 -4.24 5.92 -15.30
C GLY B 28 -4.16 7.24 -16.06
N LEU B 29 -4.45 7.19 -17.35
CA LEU B 29 -4.37 8.38 -18.19
C LEU B 29 -5.37 9.44 -17.74
N ASN B 30 -4.93 10.70 -17.76
CA ASN B 30 -5.72 11.81 -17.27
C ASN B 30 -5.52 13.06 -18.10
N ASP B 31 -5.10 12.93 -19.37
CA ASP B 31 -4.76 14.10 -20.18
C ASP B 31 -6.00 14.92 -20.52
N LYS B 32 -7.17 14.28 -20.56
CA LYS B 32 -8.43 14.97 -20.79
C LYS B 32 -9.26 15.10 -19.52
N ASP B 33 -8.62 14.94 -18.36
CA ASP B 33 -9.30 14.96 -17.06
C ASP B 33 -10.38 13.89 -16.95
N GLN B 34 -10.18 12.76 -17.65
CA GLN B 34 -11.14 11.66 -17.57
C GLN B 34 -11.19 11.02 -16.19
N LEU B 35 -10.22 11.30 -15.32
CA LEU B 35 -10.26 10.80 -13.96
C LEU B 35 -11.07 11.68 -13.02
N GLY B 36 -11.48 12.87 -13.47
CA GLY B 36 -12.52 13.62 -12.79
C GLY B 36 -12.07 14.65 -11.78
N GLY B 37 -10.80 15.05 -11.78
CA GLY B 37 -10.38 16.11 -10.89
C GLY B 37 -9.06 15.89 -10.18
N LEU B 38 -8.11 15.23 -10.85
CA LEU B 38 -6.78 15.02 -10.31
C LEU B 38 -5.75 15.74 -11.15
N LYS B 39 -4.64 16.11 -10.52
CA LYS B 39 -3.54 16.77 -11.20
C LYS B 39 -2.58 15.73 -11.76
N GLY B 40 -2.04 16.01 -12.94
CA GLY B 40 -1.16 15.09 -13.61
C GLY B 40 -1.88 14.32 -14.69
N SER B 41 -1.12 13.92 -15.73
CA SER B 41 -1.70 13.23 -16.87
C SER B 41 -1.54 11.72 -16.80
N LYS B 42 -0.59 11.20 -16.02
CA LYS B 42 -0.37 9.77 -15.84
C LYS B 42 -0.45 9.47 -14.35
N ILE B 43 -1.65 9.15 -13.86
CA ILE B 43 -1.83 8.80 -12.46
C ILE B 43 -1.44 7.33 -12.28
N LYS B 44 -0.29 7.09 -11.64
CA LYS B 44 0.30 5.76 -11.60
C LYS B 44 -0.07 4.96 -10.36
N VAL B 45 -0.76 5.56 -9.40
CA VAL B 45 -1.15 4.89 -8.16
C VAL B 45 -2.63 5.16 -7.95
N PRO B 46 -3.42 4.20 -7.45
CA PRO B 46 -4.83 4.49 -7.15
C PRO B 46 -4.96 5.72 -6.26
N SER B 47 -5.84 6.62 -6.65
CA SER B 47 -5.99 7.90 -5.97
C SER B 47 -7.46 8.12 -5.63
N PHE B 48 -7.72 8.48 -4.38
CA PHE B 48 -9.08 8.74 -3.94
C PHE B 48 -9.70 9.86 -4.77
N SER B 49 -10.89 9.60 -5.30
CA SER B 49 -11.63 10.57 -6.10
C SER B 49 -12.67 11.23 -5.19
N GLU B 50 -12.45 12.52 -4.89
CA GLU B 50 -13.42 13.26 -4.09
C GLU B 50 -14.75 13.37 -4.82
N THR B 51 -14.70 13.78 -6.09
CA THR B 51 -15.94 14.07 -6.83
C THR B 51 -16.78 12.82 -7.05
N LEU B 52 -16.15 11.70 -7.41
CA LEU B 52 -16.91 10.48 -7.66
C LEU B 52 -17.39 9.85 -6.35
N SER B 53 -16.57 9.88 -5.31
CA SER B 53 -16.99 9.31 -4.02
C SER B 53 -18.20 10.05 -3.47
N ALA B 54 -18.32 11.35 -3.77
CA ALA B 54 -19.45 12.14 -3.28
C ALA B 54 -20.77 11.74 -3.91
N LEU B 55 -20.75 10.95 -4.99
CA LEU B 55 -21.94 10.71 -5.78
C LEU B 55 -22.76 9.50 -5.36
N ASN B 56 -22.21 8.61 -4.52
CA ASN B 56 -22.87 7.34 -4.17
C ASN B 56 -23.10 6.49 -5.42
N VAL B 57 -22.00 6.09 -6.05
CA VAL B 57 -22.06 5.39 -7.32
C VAL B 57 -22.49 3.94 -7.10
N VAL B 58 -23.35 3.44 -7.99
CA VAL B 58 -23.64 2.02 -8.08
C VAL B 58 -23.05 1.40 -9.34
N GLN B 59 -22.58 2.21 -10.28
CA GLN B 59 -21.89 1.71 -11.47
C GLN B 59 -20.97 2.79 -11.98
N VAL B 60 -19.81 2.37 -12.48
CA VAL B 60 -18.91 3.23 -13.23
C VAL B 60 -18.52 2.51 -14.51
N ALA B 61 -18.48 3.25 -15.62
CA ALA B 61 -18.04 2.70 -16.90
C ALA B 61 -17.14 3.71 -17.59
N GLY B 62 -16.10 3.21 -18.23
CA GLY B 62 -15.13 4.06 -18.92
C GLY B 62 -15.15 3.82 -20.42
N GLY B 63 -15.12 4.91 -21.17
CA GLY B 63 -14.96 4.87 -22.60
C GLY B 63 -13.62 5.42 -23.04
N SER B 64 -13.56 5.85 -24.30
CA SER B 64 -12.34 6.44 -24.85
C SER B 64 -12.09 7.78 -24.18
N LYS B 65 -11.17 7.79 -23.21
CA LYS B 65 -10.81 8.99 -22.45
C LYS B 65 -12.05 9.63 -21.82
N SER B 66 -12.97 8.79 -21.34
CA SER B 66 -14.22 9.25 -20.77
C SER B 66 -14.57 8.38 -19.57
N LEU B 67 -15.44 8.91 -18.72
CA LEU B 67 -15.87 8.20 -17.53
C LEU B 67 -17.33 8.53 -17.26
N PHE B 68 -18.11 7.52 -16.90
CA PHE B 68 -19.52 7.68 -16.60
C PHE B 68 -19.83 7.04 -15.25
N ALA B 69 -20.63 7.73 -14.45
CA ALA B 69 -21.03 7.25 -13.13
C ALA B 69 -22.55 7.27 -13.03
N VAL B 70 -23.12 6.18 -12.53
CA VAL B 70 -24.55 6.07 -12.25
C VAL B 70 -24.71 5.98 -10.74
N THR B 71 -25.61 6.79 -10.18
CA THR B 71 -25.75 6.91 -8.73
C THR B 71 -26.90 6.05 -8.22
N VAL B 72 -26.94 5.90 -6.89
CA VAL B 72 -27.96 5.06 -6.25
C VAL B 72 -29.36 5.60 -6.49
N GLU B 73 -29.51 6.90 -6.77
CA GLU B 73 -30.81 7.46 -7.11
C GLU B 73 -31.03 7.61 -8.61
N GLY B 74 -30.17 6.99 -9.43
CA GLY B 74 -30.42 6.87 -10.84
C GLY B 74 -29.96 8.01 -11.71
N LYS B 75 -29.13 8.92 -11.19
CA LYS B 75 -28.59 10.02 -11.98
C LYS B 75 -27.29 9.59 -12.63
N VAL B 76 -26.94 10.24 -13.74
CA VAL B 76 -25.77 9.88 -14.55
C VAL B 76 -24.85 11.09 -14.64
N TYR B 77 -23.57 10.86 -14.39
CA TYR B 77 -22.55 11.90 -14.50
C TYR B 77 -21.47 11.44 -15.47
N ALA B 78 -20.82 12.41 -16.11
CA ALA B 78 -19.82 12.13 -17.13
C ALA B 78 -18.69 13.15 -17.06
N CYS B 79 -17.49 12.72 -17.43
CA CYS B 79 -16.34 13.61 -17.49
C CYS B 79 -15.32 13.05 -18.47
N GLY B 80 -14.45 13.93 -18.95
CA GLY B 80 -13.37 13.55 -19.84
C GLY B 80 -13.42 14.31 -21.15
N GLU B 81 -12.96 13.67 -22.21
CA GLU B 81 -12.99 14.27 -23.54
C GLU B 81 -14.43 14.32 -24.04
N ALA B 82 -14.83 15.47 -24.57
CA ALA B 82 -16.19 15.70 -25.01
C ALA B 82 -16.39 15.53 -26.51
N THR B 83 -15.32 15.26 -27.25
CA THR B 83 -15.37 15.18 -28.70
C THR B 83 -16.43 14.16 -29.16
N ASN B 84 -17.03 14.43 -30.31
CA ASN B 84 -18.05 13.60 -30.95
C ASN B 84 -19.33 13.50 -30.11
N GLY B 85 -19.50 14.37 -29.12
CA GLY B 85 -20.66 14.32 -28.26
C GLY B 85 -20.71 13.14 -27.33
N ARG B 86 -19.58 12.49 -27.09
CA ARG B 86 -19.55 11.19 -26.41
C ARG B 86 -20.00 11.27 -24.95
N LEU B 87 -19.92 12.45 -24.32
CA LEU B 87 -20.31 12.55 -22.92
C LEU B 87 -21.81 12.75 -22.75
N GLY B 88 -22.51 13.17 -23.79
CA GLY B 88 -23.95 13.39 -23.70
C GLY B 88 -24.37 14.65 -23.01
N LEU B 89 -23.49 15.66 -22.95
CA LEU B 89 -23.74 16.89 -22.23
C LEU B 89 -24.07 18.07 -23.14
N GLY B 90 -24.58 17.80 -24.33
CA GLY B 90 -24.96 18.88 -25.23
C GLY B 90 -23.80 19.64 -25.84
N ILE B 91 -22.61 19.04 -25.90
CA ILE B 91 -21.45 19.65 -26.53
C ILE B 91 -20.74 18.60 -27.37
N SER B 92 -19.90 19.08 -28.30
CA SER B 92 -19.19 18.20 -29.22
C SER B 92 -17.69 18.44 -29.24
N SER B 93 -17.15 19.22 -28.30
CA SER B 93 -15.73 19.49 -28.27
C SER B 93 -15.32 19.92 -26.87
N GLY B 94 -14.02 19.82 -26.59
CA GLY B 94 -13.46 20.23 -25.32
C GLY B 94 -13.30 19.07 -24.36
N THR B 95 -13.13 19.44 -23.09
CA THR B 95 -13.06 18.48 -21.99
C THR B 95 -14.00 18.93 -20.88
N VAL B 96 -14.48 17.97 -20.11
CA VAL B 96 -15.29 18.23 -18.93
C VAL B 96 -14.56 17.67 -17.71
N PRO B 97 -13.91 18.51 -16.93
CA PRO B 97 -12.92 18.03 -15.94
C PRO B 97 -13.45 17.57 -14.60
N ILE B 98 -14.75 17.66 -14.33
CA ILE B 98 -15.34 16.98 -13.20
C ILE B 98 -16.57 16.17 -13.72
N PRO B 99 -17.01 15.19 -12.94
CA PRO B 99 -18.29 14.52 -13.29
C PRO B 99 -19.43 15.53 -13.32
N ARG B 100 -20.06 15.65 -14.49
CA ARG B 100 -21.15 16.57 -14.72
C ARG B 100 -22.40 15.78 -15.06
N GLN B 101 -23.54 16.15 -14.47
CA GLN B 101 -24.75 15.37 -14.63
C GLN B 101 -25.29 15.45 -16.05
N ILE B 102 -25.76 14.32 -16.55
CA ILE B 102 -26.50 14.27 -17.81
C ILE B 102 -27.93 14.71 -17.52
N THR B 103 -28.17 16.01 -17.55
CA THR B 103 -29.49 16.54 -17.19
C THR B 103 -30.58 16.10 -18.14
N ALA B 104 -30.23 15.68 -19.36
CA ALA B 104 -31.23 15.17 -20.29
C ALA B 104 -31.91 13.92 -19.76
N LEU B 105 -31.30 13.23 -18.81
CA LEU B 105 -31.84 12.01 -18.22
C LEU B 105 -32.42 12.24 -16.84
N SER B 106 -32.66 13.49 -16.45
CA SER B 106 -33.08 13.79 -15.08
C SER B 106 -34.44 13.17 -14.75
N SER B 107 -35.35 13.14 -15.72
CA SER B 107 -36.68 12.60 -15.49
C SER B 107 -36.69 11.08 -15.37
N TYR B 108 -35.57 10.42 -15.60
CA TYR B 108 -35.49 8.98 -15.60
C TYR B 108 -34.52 8.52 -14.52
N VAL B 109 -34.75 7.32 -14.03
CA VAL B 109 -33.85 6.63 -13.11
C VAL B 109 -33.11 5.55 -13.88
N VAL B 110 -31.84 5.83 -14.14
CA VAL B 110 -30.95 4.99 -14.92
C VAL B 110 -30.29 4.00 -13.99
N LYS B 111 -30.17 2.74 -14.44
CA LYS B 111 -29.47 1.76 -13.64
C LYS B 111 -28.17 1.28 -14.27
N LYS B 112 -27.91 1.61 -15.54
CA LYS B 112 -26.67 1.18 -16.18
C LYS B 112 -26.36 2.08 -17.37
N VAL B 113 -25.08 2.39 -17.55
CA VAL B 113 -24.55 3.01 -18.76
C VAL B 113 -23.60 2.02 -19.41
N ALA B 114 -23.78 1.80 -20.71
CA ALA B 114 -22.94 0.88 -21.47
C ALA B 114 -22.06 1.69 -22.41
N VAL B 115 -20.78 1.35 -22.46
CA VAL B 115 -19.82 2.01 -23.32
C VAL B 115 -18.61 1.10 -23.45
N HIS B 116 -18.00 1.08 -24.63
CA HIS B 116 -16.77 0.32 -24.81
C HIS B 116 -15.58 1.16 -24.38
N SER B 117 -14.53 0.47 -23.92
CA SER B 117 -13.33 1.17 -23.49
C SER B 117 -12.74 2.01 -24.61
N GLY B 118 -12.95 1.63 -25.86
CA GLY B 118 -12.54 2.46 -26.98
C GLY B 118 -13.71 3.10 -27.70
N GLY B 119 -14.78 3.37 -26.96
CA GLY B 119 -16.03 3.83 -27.54
C GLY B 119 -16.19 5.34 -27.50
N ARG B 120 -16.85 5.86 -28.54
CA ARG B 120 -17.19 7.27 -28.61
C ARG B 120 -18.70 7.48 -28.63
N HIS B 121 -19.47 6.45 -28.28
CA HIS B 121 -20.91 6.53 -28.07
C HIS B 121 -21.25 5.62 -26.91
N ALA B 122 -22.42 5.87 -26.30
CA ALA B 122 -22.83 5.10 -25.14
C ALA B 122 -24.34 5.02 -25.08
N THR B 123 -24.84 4.03 -24.34
CA THR B 123 -26.26 3.91 -24.08
C THR B 123 -26.51 3.88 -22.58
N ALA B 124 -27.74 4.26 -22.21
CA ALA B 124 -28.20 4.21 -20.83
C ALA B 124 -29.49 3.42 -20.76
N LEU B 125 -29.66 2.68 -19.67
CA LEU B 125 -30.81 1.81 -19.46
C LEU B 125 -31.54 2.23 -18.18
N THR B 126 -32.84 2.46 -18.29
CA THR B 126 -33.64 2.83 -17.12
C THR B 126 -34.19 1.58 -16.43
N VAL B 127 -34.69 1.76 -15.21
CA VAL B 127 -35.17 0.61 -14.46
C VAL B 127 -36.48 0.08 -15.03
N ASP B 128 -37.23 0.90 -15.76
CA ASP B 128 -38.44 0.43 -16.42
C ASP B 128 -38.19 0.03 -17.87
N GLY B 129 -36.93 -0.20 -18.24
CA GLY B 129 -36.60 -0.91 -19.46
C GLY B 129 -36.34 -0.07 -20.69
N LYS B 130 -36.12 1.23 -20.55
CA LYS B 130 -35.94 2.11 -21.70
C LYS B 130 -34.45 2.39 -21.94
N VAL B 131 -34.09 2.57 -23.20
CA VAL B 131 -32.71 2.74 -23.63
C VAL B 131 -32.56 4.08 -24.33
N PHE B 132 -31.59 4.88 -23.88
CA PHE B 132 -31.17 6.10 -24.53
C PHE B 132 -29.76 5.91 -25.07
N SER B 133 -29.44 6.62 -26.15
CA SER B 133 -28.09 6.58 -26.71
C SER B 133 -27.65 7.98 -27.08
N TRP B 134 -26.33 8.16 -27.17
CA TRP B 134 -25.77 9.47 -27.52
C TRP B 134 -24.34 9.26 -28.00
N GLY B 135 -23.81 10.31 -28.63
CA GLY B 135 -22.43 10.30 -29.07
C GLY B 135 -22.26 10.17 -30.58
N GLU B 136 -21.20 9.47 -30.97
CA GLU B 136 -20.86 9.33 -32.38
C GLU B 136 -21.90 8.47 -33.09
N GLY B 137 -22.37 8.93 -34.25
CA GLY B 137 -23.45 8.28 -34.96
C GLY B 137 -23.07 7.38 -36.10
N ASP B 138 -21.78 7.26 -36.42
CA ASP B 138 -21.35 6.48 -37.58
C ASP B 138 -21.94 5.08 -37.57
N ASP B 139 -22.35 4.62 -38.75
CA ASP B 139 -22.81 3.25 -38.99
C ASP B 139 -24.10 2.92 -38.24
N GLY B 140 -24.80 3.93 -37.75
CA GLY B 140 -26.09 3.71 -37.10
C GLY B 140 -26.03 3.08 -35.73
N LYS B 141 -24.89 3.15 -35.06
CA LYS B 141 -24.74 2.50 -33.76
C LYS B 141 -25.57 3.16 -32.67
N LEU B 142 -26.14 4.35 -32.91
CA LEU B 142 -27.05 4.96 -31.95
C LEU B 142 -28.44 4.38 -32.03
N GLY B 143 -28.84 3.85 -33.18
CA GLY B 143 -30.10 3.15 -33.31
C GLY B 143 -31.30 3.99 -33.69
N HIS B 144 -31.10 5.18 -34.25
CA HIS B 144 -32.20 6.07 -34.62
C HIS B 144 -32.41 6.17 -36.12
N PHE B 145 -32.20 5.08 -36.85
CA PHE B 145 -32.40 5.05 -38.31
C PHE B 145 -31.55 6.10 -39.00
N SER B 146 -30.36 6.38 -38.48
CA SER B 146 -29.55 7.49 -39.00
C SER B 146 -28.09 7.24 -38.68
N ARG B 147 -27.23 7.99 -39.36
CA ARG B 147 -25.79 7.97 -39.10
C ARG B 147 -25.31 9.25 -38.44
N MET B 148 -26.23 10.05 -37.88
CA MET B 148 -25.90 11.36 -37.32
C MET B 148 -25.49 11.24 -35.85
N ASN B 149 -24.61 12.16 -35.44
CA ASN B 149 -24.21 12.25 -34.04
C ASN B 149 -25.34 12.78 -33.17
N CYS B 150 -25.34 12.35 -31.90
CA CYS B 150 -26.28 12.84 -30.90
C CYS B 150 -25.49 13.38 -29.71
N ASP B 151 -25.47 14.70 -29.56
CA ASP B 151 -24.78 15.33 -28.44
C ASP B 151 -25.51 15.15 -27.12
N LYS B 152 -26.76 14.69 -27.14
CA LYS B 152 -27.58 14.51 -25.95
C LYS B 152 -28.28 13.17 -26.06
N PRO B 153 -28.56 12.52 -24.93
CA PRO B 153 -29.26 11.23 -24.98
C PRO B 153 -30.61 11.36 -25.68
N ARG B 154 -30.91 10.38 -26.53
CA ARG B 154 -32.17 10.32 -27.24
C ARG B 154 -32.71 8.90 -27.15
N LEU B 155 -34.01 8.79 -26.87
CA LEU B 155 -34.64 7.49 -26.70
C LEU B 155 -34.56 6.67 -27.99
N ILE B 156 -34.14 5.42 -27.87
CA ILE B 156 -34.15 4.49 -29.00
C ILE B 156 -35.59 4.01 -29.15
N GLU B 157 -36.35 4.66 -30.01
CA GLU B 157 -37.78 4.37 -30.11
C GLU B 157 -38.05 2.99 -30.67
N ALA B 158 -37.11 2.39 -31.40
CA ALA B 158 -37.32 1.04 -31.91
C ALA B 158 -37.51 0.02 -30.80
N LEU B 159 -37.04 0.32 -29.59
CA LEU B 159 -37.09 -0.60 -28.48
C LEU B 159 -38.19 -0.28 -27.46
N LYS B 160 -39.12 0.62 -27.79
CA LYS B 160 -40.11 1.04 -26.80
C LYS B 160 -41.05 -0.08 -26.41
N THR B 161 -41.35 -0.99 -27.34
CA THR B 161 -42.09 -2.20 -27.00
C THR B 161 -41.30 -3.11 -26.07
N LYS B 162 -39.99 -3.17 -26.23
CA LYS B 162 -39.18 -4.19 -25.58
C LYS B 162 -38.80 -3.78 -24.17
N ARG B 163 -39.00 -4.69 -23.22
CA ARG B 163 -38.58 -4.46 -21.84
C ARG B 163 -37.13 -4.90 -21.74
N ILE B 164 -36.22 -3.95 -21.99
CA ILE B 164 -34.80 -4.22 -22.05
C ILE B 164 -34.24 -4.38 -20.65
N ARG B 165 -33.37 -5.37 -20.46
CA ARG B 165 -32.78 -5.61 -19.16
C ARG B 165 -31.26 -5.41 -19.11
N ASP B 166 -30.56 -5.50 -20.23
CA ASP B 166 -29.12 -5.25 -20.23
C ASP B 166 -28.71 -4.64 -21.56
N ILE B 167 -27.58 -3.93 -21.54
CA ILE B 167 -27.08 -3.22 -22.71
C ILE B 167 -25.57 -3.39 -22.79
N ALA B 168 -25.05 -3.22 -24.00
CA ALA B 168 -23.61 -3.22 -24.25
C ALA B 168 -23.33 -2.43 -25.51
N CYS B 169 -22.14 -1.84 -25.57
CA CYS B 169 -21.70 -1.08 -26.72
C CYS B 169 -20.28 -1.45 -27.08
N GLY B 170 -20.02 -1.56 -28.39
CA GLY B 170 -18.68 -1.63 -28.91
C GLY B 170 -18.22 -0.26 -29.38
N SER B 171 -17.12 -0.27 -30.14
CA SER B 171 -16.71 0.98 -30.79
C SER B 171 -17.60 1.32 -31.97
N SER B 172 -18.25 0.33 -32.57
CA SER B 172 -18.95 0.52 -33.83
C SER B 172 -20.33 -0.12 -33.88
N HIS B 173 -20.74 -0.86 -32.85
CA HIS B 173 -22.09 -1.42 -32.83
C HIS B 173 -22.59 -1.43 -31.39
N SER B 174 -23.84 -1.84 -31.22
CA SER B 174 -24.50 -1.78 -29.92
C SER B 174 -25.40 -3.00 -29.76
N ALA B 175 -25.78 -3.28 -28.52
CA ALA B 175 -26.61 -4.45 -28.25
C ALA B 175 -27.51 -4.18 -27.05
N ALA B 176 -28.64 -4.89 -27.03
CA ALA B 176 -29.60 -4.83 -25.94
C ALA B 176 -30.35 -6.15 -25.90
N LEU B 177 -30.66 -6.60 -24.68
CA LEU B 177 -31.37 -7.86 -24.50
C LEU B 177 -32.55 -7.66 -23.57
N THR B 178 -33.62 -8.40 -23.86
CA THR B 178 -34.89 -8.25 -23.17
C THR B 178 -34.97 -9.18 -21.96
N SER B 179 -36.01 -8.97 -21.15
CA SER B 179 -36.24 -9.84 -20.00
C SER B 179 -36.47 -11.26 -20.46
N SER B 180 -37.19 -11.43 -21.57
CA SER B 180 -37.45 -12.75 -22.11
C SER B 180 -36.21 -13.37 -22.77
N GLY B 181 -35.13 -12.61 -22.92
CA GLY B 181 -33.88 -13.16 -23.39
C GLY B 181 -33.59 -13.02 -24.87
N GLU B 182 -34.37 -12.22 -25.60
CA GLU B 182 -34.05 -11.92 -26.98
C GLU B 182 -32.91 -10.91 -27.03
N LEU B 183 -32.08 -11.02 -28.06
CA LEU B 183 -30.91 -10.16 -28.22
C LEU B 183 -31.06 -9.33 -29.48
N TYR B 184 -30.87 -8.02 -29.34
CA TYR B 184 -30.88 -7.08 -30.46
C TYR B 184 -29.48 -6.51 -30.66
N THR B 185 -29.09 -6.37 -31.92
CA THR B 185 -27.84 -5.71 -32.28
C THR B 185 -28.10 -4.72 -33.40
N TRP B 186 -27.24 -3.71 -33.47
CA TRP B 186 -27.32 -2.73 -34.54
C TRP B 186 -25.98 -2.00 -34.63
N GLY B 187 -25.76 -1.34 -35.76
CA GLY B 187 -24.53 -0.61 -36.00
C GLY B 187 -23.79 -1.14 -37.23
N LEU B 188 -22.46 -1.05 -37.17
CA LEU B 188 -21.62 -1.45 -38.29
C LEU B 188 -21.72 -2.96 -38.51
N GLY B 189 -21.87 -3.36 -39.77
CA GLY B 189 -22.12 -4.75 -40.07
C GLY B 189 -20.90 -5.56 -40.50
N GLU B 190 -19.81 -4.89 -40.88
CA GLU B 190 -18.72 -5.61 -41.52
C GLU B 190 -18.07 -6.59 -40.54
N TYR B 191 -17.64 -7.72 -41.09
CA TYR B 191 -17.04 -8.85 -40.37
C TYR B 191 -18.05 -9.57 -39.48
N GLY B 192 -19.34 -9.33 -39.68
CA GLY B 192 -20.38 -10.13 -39.07
C GLY B 192 -20.61 -9.88 -37.59
N ARG B 193 -20.15 -8.77 -37.04
CA ARG B 193 -20.27 -8.53 -35.60
C ARG B 193 -21.72 -8.45 -35.13
N LEU B 194 -22.66 -8.21 -36.05
CA LEU B 194 -24.06 -8.06 -35.67
C LEU B 194 -24.78 -9.38 -35.52
N GLY B 195 -24.32 -10.44 -36.19
CA GLY B 195 -24.85 -11.77 -35.98
C GLY B 195 -26.06 -12.15 -36.78
N HIS B 196 -26.36 -11.43 -37.87
CA HIS B 196 -27.57 -11.68 -38.64
C HIS B 196 -27.32 -12.48 -39.91
N GLY B 197 -26.17 -13.11 -40.04
CA GLY B 197 -25.91 -13.93 -41.21
C GLY B 197 -25.41 -13.19 -42.42
N ASP B 198 -24.92 -11.96 -42.24
CA ASP B 198 -24.39 -11.16 -43.34
C ASP B 198 -23.53 -10.07 -42.76
N ASN B 199 -22.99 -9.22 -43.63
CA ASN B 199 -22.12 -8.12 -43.22
C ASN B 199 -22.85 -6.78 -43.28
N THR B 200 -24.18 -6.80 -43.27
CA THR B 200 -24.98 -5.62 -43.59
C THR B 200 -25.15 -4.74 -42.35
N THR B 201 -24.86 -3.45 -42.52
CA THR B 201 -25.06 -2.47 -41.45
C THR B 201 -26.55 -2.36 -41.12
N GLN B 202 -26.85 -2.20 -39.83
CA GLN B 202 -28.21 -2.05 -39.34
C GLN B 202 -28.31 -0.74 -38.55
N LEU B 203 -29.12 0.19 -39.06
CA LEU B 203 -29.30 1.50 -38.41
C LEU B 203 -30.37 1.49 -37.33
N LYS B 204 -30.96 0.33 -37.05
CA LYS B 204 -32.08 0.13 -36.15
C LYS B 204 -31.81 -1.19 -35.43
N PRO B 205 -32.20 -1.32 -34.17
CA PRO B 205 -32.03 -2.60 -33.48
C PRO B 205 -32.70 -3.72 -34.24
N LYS B 206 -32.01 -4.86 -34.35
CA LYS B 206 -32.48 -6.02 -35.08
C LYS B 206 -32.24 -7.27 -34.25
N MET B 207 -33.28 -8.09 -34.12
CA MET B 207 -33.19 -9.26 -33.26
C MET B 207 -32.32 -10.35 -33.89
N VAL B 208 -31.45 -10.95 -33.07
CA VAL B 208 -30.55 -12.00 -33.53
C VAL B 208 -31.34 -13.31 -33.53
N LYS B 209 -31.80 -13.73 -34.72
CA LYS B 209 -32.76 -14.82 -34.81
C LYS B 209 -32.13 -16.17 -34.47
N VAL B 210 -30.83 -16.35 -34.74
CA VAL B 210 -30.18 -17.61 -34.40
C VAL B 210 -30.28 -17.91 -32.90
N LEU B 211 -30.26 -16.89 -32.06
CA LEU B 211 -30.29 -17.14 -30.63
C LEU B 211 -31.69 -17.31 -30.07
N LEU B 212 -32.72 -17.23 -30.90
CA LEU B 212 -34.08 -17.61 -30.51
C LEU B 212 -34.08 -18.98 -29.85
N GLY B 213 -34.77 -19.08 -28.71
CA GLY B 213 -34.82 -20.29 -27.93
C GLY B 213 -33.83 -20.33 -26.79
N HIS B 214 -32.78 -19.53 -26.85
CA HIS B 214 -31.88 -19.31 -25.73
C HIS B 214 -32.28 -18.05 -25.02
N ARG B 215 -32.22 -18.07 -23.69
N ARG B 215 -32.17 -18.07 -23.69
CA ARG B 215 -32.40 -16.85 -22.91
CA ARG B 215 -32.39 -16.86 -22.88
C ARG B 215 -31.03 -16.21 -22.72
C ARG B 215 -31.04 -16.18 -22.67
N VAL B 216 -30.74 -15.21 -23.54
CA VAL B 216 -29.48 -14.48 -23.42
C VAL B 216 -29.58 -13.52 -22.23
N ILE B 217 -28.58 -13.56 -21.36
CA ILE B 217 -28.60 -12.76 -20.15
C ILE B 217 -27.50 -11.71 -20.10
N GLN B 218 -26.39 -11.90 -20.82
CA GLN B 218 -25.38 -10.87 -20.94
C GLN B 218 -24.89 -10.82 -22.38
N VAL B 219 -24.38 -9.65 -22.77
CA VAL B 219 -23.79 -9.45 -24.09
C VAL B 219 -22.61 -8.50 -23.94
N ALA B 220 -21.59 -8.70 -24.76
CA ALA B 220 -20.43 -7.83 -24.77
C ALA B 220 -19.98 -7.61 -26.21
N CYS B 221 -19.51 -6.40 -26.48
CA CYS B 221 -19.15 -5.98 -27.82
C CYS B 221 -17.69 -5.51 -27.85
N GLY B 222 -16.98 -5.85 -28.92
CA GLY B 222 -15.59 -5.46 -29.08
C GLY B 222 -15.43 -4.18 -29.89
N SER B 223 -14.19 -3.86 -30.19
CA SER B 223 -13.85 -2.63 -30.90
C SER B 223 -13.10 -2.94 -32.19
N ARG B 224 -12.96 -1.90 -33.02
CA ARG B 224 -12.31 -1.98 -34.34
C ARG B 224 -12.94 -3.09 -35.17
N ASP B 225 -12.13 -4.02 -35.66
CA ASP B 225 -12.64 -5.24 -36.29
C ASP B 225 -13.08 -6.15 -35.14
N ALA B 226 -14.37 -6.08 -34.81
CA ALA B 226 -14.85 -6.46 -33.49
C ALA B 226 -15.50 -7.83 -33.46
N GLN B 227 -15.39 -8.47 -32.30
CA GLN B 227 -16.18 -9.64 -31.95
C GLN B 227 -17.41 -9.22 -31.14
N THR B 228 -18.35 -10.15 -31.01
CA THR B 228 -19.45 -10.01 -30.08
C THR B 228 -19.56 -11.30 -29.27
N LEU B 229 -19.82 -11.16 -27.97
CA LEU B 229 -20.00 -12.29 -27.07
C LEU B 229 -21.40 -12.23 -26.45
N ALA B 230 -21.96 -13.39 -26.17
CA ALA B 230 -23.25 -13.49 -25.51
C ALA B 230 -23.25 -14.65 -24.53
N LEU B 231 -23.99 -14.48 -23.44
CA LEU B 231 -24.09 -15.47 -22.38
C LEU B 231 -25.56 -15.80 -22.15
N THR B 232 -25.85 -17.09 -21.97
CA THR B 232 -27.21 -17.56 -21.72
C THR B 232 -27.36 -17.98 -20.27
N ASP B 233 -28.62 -18.13 -19.84
CA ASP B 233 -28.88 -18.52 -18.46
C ASP B 233 -28.53 -19.97 -18.16
N GLU B 234 -28.14 -20.75 -19.17
CA GLU B 234 -27.61 -22.08 -18.97
C GLU B 234 -26.09 -22.12 -19.00
N GLY B 235 -25.44 -20.94 -19.00
CA GLY B 235 -23.99 -20.87 -18.98
C GLY B 235 -23.32 -21.00 -20.32
N LEU B 236 -24.07 -21.11 -21.41
CA LEU B 236 -23.46 -21.20 -22.74
C LEU B 236 -22.95 -19.85 -23.18
N VAL B 237 -21.73 -19.83 -23.73
CA VAL B 237 -21.12 -18.64 -24.29
C VAL B 237 -21.13 -18.76 -25.80
N PHE B 238 -21.53 -17.68 -26.48
CA PHE B 238 -21.53 -17.61 -27.93
C PHE B 238 -20.66 -16.45 -28.36
N SER B 239 -19.99 -16.62 -29.51
CA SER B 239 -19.19 -15.56 -30.09
C SER B 239 -19.45 -15.49 -31.59
N TRP B 240 -19.25 -14.29 -32.15
CA TRP B 240 -19.35 -14.08 -33.58
C TRP B 240 -18.69 -12.74 -33.90
N GLY B 241 -18.54 -12.47 -35.19
CA GLY B 241 -17.86 -11.27 -35.61
C GLY B 241 -16.47 -11.56 -36.17
N ASP B 242 -15.55 -10.63 -35.98
CA ASP B 242 -14.22 -10.75 -36.58
C ASP B 242 -13.39 -11.78 -35.82
N GLY B 243 -12.69 -12.62 -36.58
CA GLY B 243 -11.94 -13.72 -36.01
C GLY B 243 -10.47 -13.50 -35.77
N ASP B 244 -9.93 -12.34 -36.16
CA ASP B 244 -8.49 -12.08 -36.03
C ASP B 244 -8.03 -12.33 -34.59
N PHE B 245 -6.87 -12.96 -34.48
CA PHE B 245 -6.16 -13.23 -33.22
C PHE B 245 -6.90 -14.22 -32.32
N GLY B 246 -7.88 -14.94 -32.84
CA GLY B 246 -8.56 -15.95 -32.06
C GLY B 246 -9.53 -15.45 -31.02
N LYS B 247 -9.97 -14.18 -31.11
CA LYS B 247 -10.82 -13.62 -30.07
C LYS B 247 -12.21 -14.22 -30.02
N LEU B 248 -12.60 -15.00 -31.04
CA LEU B 248 -13.85 -15.76 -30.94
C LEU B 248 -13.70 -17.03 -30.13
N GLY B 249 -12.46 -17.47 -29.87
CA GLY B 249 -12.22 -18.57 -28.96
C GLY B 249 -12.45 -19.95 -29.50
N ARG B 250 -12.42 -20.13 -30.83
CA ARG B 250 -12.65 -21.42 -31.44
C ARG B 250 -11.50 -21.81 -32.37
N GLY B 251 -10.32 -21.26 -32.12
CA GLY B 251 -9.13 -21.59 -32.89
C GLY B 251 -8.98 -20.73 -34.13
N GLY B 252 -7.74 -20.64 -34.60
CA GLY B 252 -7.46 -20.00 -35.87
C GLY B 252 -7.84 -18.53 -35.89
N SER B 253 -8.36 -18.09 -37.03
CA SER B 253 -8.67 -16.67 -37.20
C SER B 253 -9.88 -16.41 -38.10
N GLU B 254 -10.71 -17.42 -38.38
CA GLU B 254 -11.89 -17.20 -39.20
C GLU B 254 -12.98 -16.47 -38.41
N GLY B 255 -13.59 -15.46 -39.03
CA GLY B 255 -14.75 -14.83 -38.46
C GLY B 255 -16.03 -15.58 -38.84
N CYS B 256 -17.16 -15.07 -38.37
CA CYS B 256 -18.43 -15.69 -38.74
C CYS B 256 -19.57 -14.69 -38.61
N ASN B 257 -20.59 -14.91 -39.42
CA ASN B 257 -21.79 -14.11 -39.55
C ASN B 257 -22.79 -14.36 -38.44
N ILE B 258 -22.61 -15.44 -37.68
CA ILE B 258 -23.70 -16.08 -36.95
C ILE B 258 -23.16 -16.51 -35.59
N PRO B 259 -23.93 -16.41 -34.52
CA PRO B 259 -23.43 -16.84 -33.21
C PRO B 259 -23.03 -18.31 -33.21
N GLN B 260 -21.88 -18.60 -32.62
CA GLN B 260 -21.39 -19.97 -32.45
C GLN B 260 -21.02 -20.20 -30.98
N ASN B 261 -21.33 -21.39 -30.51
CA ASN B 261 -21.01 -21.79 -29.14
C ASN B 261 -19.50 -21.90 -28.96
N ILE B 262 -18.98 -21.25 -27.92
CA ILE B 262 -17.58 -21.46 -27.52
C ILE B 262 -17.54 -22.72 -26.66
N GLU B 263 -17.24 -23.86 -27.31
CA GLU B 263 -17.42 -25.15 -26.65
C GLU B 263 -16.58 -25.29 -25.39
N ARG B 264 -15.40 -24.67 -25.34
CA ARG B 264 -14.53 -24.88 -24.19
C ARG B 264 -15.11 -24.29 -22.90
N LEU B 265 -15.98 -23.30 -22.99
CA LEU B 265 -16.55 -22.71 -21.80
C LEU B 265 -17.82 -23.41 -21.34
N ASN B 266 -18.25 -24.44 -22.05
CA ASN B 266 -19.45 -25.18 -21.66
C ASN B 266 -19.22 -25.86 -20.32
N GLY B 267 -20.20 -25.72 -19.41
CA GLY B 267 -20.11 -26.34 -18.11
C GLY B 267 -19.18 -25.66 -17.14
N GLN B 268 -18.65 -24.48 -17.48
CA GLN B 268 -17.71 -23.78 -16.60
C GLN B 268 -18.39 -22.81 -15.65
N GLY B 269 -19.69 -22.54 -15.84
CA GLY B 269 -20.38 -21.62 -14.96
C GLY B 269 -20.02 -20.16 -15.20
N VAL B 270 -19.79 -19.78 -16.46
CA VAL B 270 -19.48 -18.39 -16.77
C VAL B 270 -20.64 -17.50 -16.35
N CYS B 271 -20.32 -16.42 -15.64
CA CYS B 271 -21.32 -15.47 -15.20
C CYS B 271 -21.04 -14.04 -15.63
N GLN B 272 -19.90 -13.78 -16.27
CA GLN B 272 -19.61 -12.44 -16.76
C GLN B 272 -18.70 -12.53 -17.98
N ILE B 273 -19.05 -11.80 -19.04
CA ILE B 273 -18.28 -11.73 -20.27
C ILE B 273 -17.95 -10.27 -20.57
N GLU B 274 -16.76 -10.06 -21.12
CA GLU B 274 -16.29 -8.73 -21.47
C GLU B 274 -15.44 -8.83 -22.73
N CYS B 275 -15.40 -7.74 -23.50
CA CYS B 275 -14.51 -7.61 -24.65
C CYS B 275 -13.65 -6.38 -24.48
N GLY B 276 -12.35 -6.56 -24.49
CA GLY B 276 -11.41 -5.46 -24.58
C GLY B 276 -11.13 -5.13 -26.03
N ALA B 277 -9.94 -4.57 -26.27
CA ALA B 277 -9.49 -4.32 -27.64
C ALA B 277 -8.87 -5.61 -28.17
N GLN B 278 -9.57 -6.27 -29.08
CA GLN B 278 -9.11 -7.47 -29.77
C GLN B 278 -8.94 -8.68 -28.86
N PHE B 279 -9.56 -8.70 -27.69
CA PHE B 279 -9.50 -9.89 -26.85
C PHE B 279 -10.80 -10.01 -26.05
N SER B 280 -11.00 -11.20 -25.48
CA SER B 280 -12.20 -11.53 -24.73
C SER B 280 -11.84 -12.07 -23.36
N LEU B 281 -12.77 -11.93 -22.42
CA LEU B 281 -12.57 -12.37 -21.04
C LEU B 281 -13.87 -12.94 -20.50
N ALA B 282 -13.75 -13.99 -19.68
CA ALA B 282 -14.90 -14.59 -19.01
C ALA B 282 -14.56 -14.85 -17.54
N LEU B 283 -15.57 -14.65 -16.68
CA LEU B 283 -15.48 -14.93 -15.26
C LEU B 283 -16.56 -15.93 -14.88
N THR B 284 -16.20 -16.92 -14.07
CA THR B 284 -17.15 -17.95 -13.67
C THR B 284 -17.63 -17.73 -12.24
N LYS B 285 -18.70 -18.43 -11.89
CA LYS B 285 -19.29 -18.31 -10.56
C LYS B 285 -18.33 -18.79 -9.48
N SER B 286 -17.51 -19.80 -9.79
CA SER B 286 -16.48 -20.25 -8.86
C SER B 286 -15.32 -19.30 -8.77
N GLY B 287 -15.27 -18.28 -9.62
CA GLY B 287 -14.26 -17.24 -9.52
C GLY B 287 -13.00 -17.46 -10.32
N VAL B 288 -13.06 -18.19 -11.44
CA VAL B 288 -11.89 -18.38 -12.28
C VAL B 288 -12.04 -17.43 -13.46
N VAL B 289 -10.92 -16.99 -14.01
CA VAL B 289 -10.89 -16.02 -15.10
C VAL B 289 -10.31 -16.68 -16.33
N TRP B 290 -11.00 -16.54 -17.46
CA TRP B 290 -10.55 -17.01 -18.76
C TRP B 290 -10.32 -15.82 -19.68
N THR B 291 -9.27 -15.86 -20.49
CA THR B 291 -9.02 -14.84 -21.49
C THR B 291 -8.61 -15.50 -22.79
N TRP B 292 -8.91 -14.82 -23.91
CA TRP B 292 -8.44 -15.26 -25.21
C TRP B 292 -8.48 -14.08 -26.18
N GLY B 293 -7.67 -14.19 -27.23
CA GLY B 293 -7.57 -13.14 -28.22
C GLY B 293 -6.16 -12.65 -28.47
N LYS B 294 -6.04 -11.38 -28.81
CA LYS B 294 -4.73 -10.80 -29.17
C LYS B 294 -3.86 -10.70 -27.92
N GLY B 295 -2.60 -11.11 -28.06
CA GLY B 295 -1.71 -11.20 -26.92
C GLY B 295 -0.78 -10.02 -26.69
N ASP B 296 -0.62 -9.12 -27.67
CA ASP B 296 0.38 -8.07 -27.56
C ASP B 296 0.16 -7.20 -26.32
N TYR B 297 1.27 -6.77 -25.73
CA TYR B 297 1.28 -5.93 -24.53
C TYR B 297 0.64 -6.61 -23.32
N PHE B 298 0.54 -7.95 -23.37
CA PHE B 298 0.24 -8.77 -22.21
C PHE B 298 -1.18 -8.55 -21.69
N ARG B 299 -2.11 -8.20 -22.59
CA ARG B 299 -3.48 -7.93 -22.18
C ARG B 299 -4.22 -9.19 -21.75
N LEU B 300 -3.74 -10.37 -22.13
CA LEU B 300 -4.37 -11.63 -21.73
C LEU B 300 -3.95 -12.10 -20.34
N GLY B 301 -2.78 -11.70 -19.87
CA GLY B 301 -2.35 -12.01 -18.52
C GLY B 301 -1.75 -13.38 -18.32
N HIS B 302 -1.19 -13.99 -19.36
CA HIS B 302 -0.63 -15.32 -19.26
C HIS B 302 0.90 -15.32 -19.14
N GLY B 303 1.51 -14.15 -18.89
CA GLY B 303 2.93 -14.07 -18.67
C GLY B 303 3.76 -13.83 -19.91
N SER B 304 3.23 -14.14 -21.09
CA SER B 304 3.86 -13.82 -22.36
C SER B 304 2.85 -13.11 -23.24
N ASP B 305 3.29 -12.64 -24.41
CA ASP B 305 2.43 -11.84 -25.27
C ASP B 305 1.97 -12.59 -26.52
N VAL B 306 2.02 -13.92 -26.49
CA VAL B 306 1.49 -14.69 -27.61
C VAL B 306 -0.04 -14.63 -27.58
N HIS B 307 -0.64 -14.82 -28.76
CA HIS B 307 -2.09 -14.92 -28.84
C HIS B 307 -2.55 -16.26 -28.29
N VAL B 308 -3.78 -16.30 -27.79
CA VAL B 308 -4.40 -17.58 -27.42
C VAL B 308 -5.77 -17.62 -28.09
N ARG B 309 -6.00 -18.66 -28.88
CA ARG B 309 -7.14 -18.71 -29.78
C ARG B 309 -8.25 -19.61 -29.28
N LYS B 310 -8.09 -20.19 -28.10
CA LYS B 310 -9.17 -20.82 -27.35
C LYS B 310 -9.03 -20.40 -25.90
N PRO B 311 -10.13 -20.27 -25.16
CA PRO B 311 -10.07 -19.69 -23.81
C PRO B 311 -9.09 -20.46 -22.93
N GLN B 312 -8.23 -19.72 -22.22
CA GLN B 312 -7.34 -20.31 -21.24
C GLN B 312 -7.52 -19.64 -19.89
N VAL B 313 -7.49 -20.46 -18.84
CA VAL B 313 -7.54 -19.94 -17.48
C VAL B 313 -6.33 -19.05 -17.22
N VAL B 314 -6.58 -17.89 -16.59
CA VAL B 314 -5.51 -17.01 -16.14
C VAL B 314 -4.90 -17.64 -14.90
N GLU B 315 -3.79 -18.36 -15.08
CA GLU B 315 -3.28 -19.23 -14.01
C GLU B 315 -2.70 -18.43 -12.85
N GLY B 316 -2.32 -17.18 -13.06
CA GLY B 316 -1.86 -16.33 -11.98
C GLY B 316 -2.93 -15.93 -10.98
N LEU B 317 -4.18 -16.33 -11.20
CA LEU B 317 -5.27 -16.06 -10.28
C LEU B 317 -5.84 -17.33 -9.66
N ARG B 318 -5.27 -18.50 -9.95
CA ARG B 318 -5.72 -19.73 -9.32
C ARG B 318 -5.60 -19.61 -7.81
N GLY B 319 -6.60 -20.13 -7.09
CA GLY B 319 -6.66 -20.00 -5.66
C GLY B 319 -7.17 -18.68 -5.16
N LYS B 320 -7.40 -17.71 -6.03
CA LYS B 320 -8.08 -16.46 -5.69
C LYS B 320 -9.49 -16.51 -6.29
N LYS B 321 -10.50 -16.40 -5.44
CA LYS B 321 -11.87 -16.33 -5.93
C LYS B 321 -12.15 -14.91 -6.39
N ILE B 322 -12.31 -14.74 -7.71
CA ILE B 322 -12.54 -13.44 -8.29
C ILE B 322 -14.04 -13.16 -8.31
N VAL B 323 -14.43 -11.99 -7.83
CA VAL B 323 -15.84 -11.63 -7.71
C VAL B 323 -16.26 -10.57 -8.72
N HIS B 324 -15.33 -9.85 -9.33
CA HIS B 324 -15.69 -8.89 -10.36
C HIS B 324 -14.47 -8.63 -11.24
N VAL B 325 -14.74 -8.29 -12.50
CA VAL B 325 -13.70 -8.03 -13.49
C VAL B 325 -14.12 -6.86 -14.36
N ALA B 326 -13.12 -6.19 -14.92
CA ALA B 326 -13.34 -5.14 -15.91
C ALA B 326 -12.15 -5.13 -16.85
N VAL B 327 -12.41 -4.75 -18.11
CA VAL B 327 -11.35 -4.68 -19.12
C VAL B 327 -11.32 -3.28 -19.71
N GLY B 328 -10.12 -2.78 -19.92
CA GLY B 328 -9.89 -1.62 -20.74
C GLY B 328 -9.53 -2.00 -22.16
N ALA B 329 -8.82 -1.11 -22.84
CA ALA B 329 -8.31 -1.44 -24.16
C ALA B 329 -7.26 -2.54 -24.07
N LEU B 330 -6.20 -2.31 -23.28
CA LEU B 330 -5.10 -3.27 -23.19
C LEU B 330 -4.81 -3.70 -21.76
N HIS B 331 -5.73 -3.49 -20.82
CA HIS B 331 -5.50 -3.91 -19.45
C HIS B 331 -6.77 -4.49 -18.85
N CYS B 332 -6.60 -5.25 -17.78
CA CYS B 332 -7.70 -5.87 -17.04
C CYS B 332 -7.51 -5.64 -15.55
N LEU B 333 -8.64 -5.67 -14.82
CA LEU B 333 -8.64 -5.60 -13.36
C LEU B 333 -9.54 -6.72 -12.83
N ALA B 334 -9.12 -7.32 -11.73
CA ALA B 334 -9.84 -8.43 -11.13
C ALA B 334 -9.92 -8.24 -9.62
N VAL B 335 -11.11 -8.41 -9.06
CA VAL B 335 -11.37 -8.20 -7.64
C VAL B 335 -11.52 -9.55 -6.95
N THR B 336 -10.74 -9.78 -5.91
CA THR B 336 -10.84 -10.98 -5.12
C THR B 336 -11.95 -10.83 -4.07
N ASP B 337 -12.41 -11.96 -3.54
CA ASP B 337 -13.43 -11.92 -2.51
C ASP B 337 -12.92 -11.31 -1.21
N SER B 338 -11.61 -11.18 -1.06
CA SER B 338 -11.01 -10.55 0.11
C SER B 338 -10.79 -9.06 -0.04
N GLY B 339 -11.16 -8.49 -1.19
CA GLY B 339 -11.09 -7.06 -1.39
C GLY B 339 -9.89 -6.55 -2.18
N GLN B 340 -9.00 -7.44 -2.63
CA GLN B 340 -7.83 -7.02 -3.39
C GLN B 340 -8.17 -6.85 -4.86
N VAL B 341 -7.40 -5.99 -5.53
CA VAL B 341 -7.48 -5.81 -6.98
C VAL B 341 -6.17 -6.29 -7.59
N TYR B 342 -6.28 -7.13 -8.62
CA TYR B 342 -5.13 -7.53 -9.41
C TYR B 342 -5.27 -6.96 -10.81
N ALA B 343 -4.14 -6.57 -11.39
CA ALA B 343 -4.11 -5.93 -12.69
C ALA B 343 -3.05 -6.59 -13.57
N TRP B 344 -3.31 -6.56 -14.87
CA TRP B 344 -2.32 -7.04 -15.84
C TRP B 344 -2.55 -6.30 -17.15
N GLY B 345 -1.52 -6.29 -17.98
CA GLY B 345 -1.60 -5.68 -19.29
C GLY B 345 -0.75 -4.44 -19.42
N ASP B 346 -1.09 -3.63 -20.43
CA ASP B 346 -0.27 -2.49 -20.80
C ASP B 346 -0.32 -1.40 -19.72
N ASN B 347 0.72 -0.55 -19.73
CA ASN B 347 0.89 0.44 -18.67
C ASN B 347 1.46 1.76 -19.16
N ASP B 348 1.26 2.12 -20.43
CA ASP B 348 1.83 3.36 -20.95
C ASP B 348 1.45 4.57 -20.11
N HIS B 349 0.27 4.54 -19.49
CA HIS B 349 -0.26 5.70 -18.78
C HIS B 349 -0.54 5.42 -17.31
N GLY B 350 0.05 4.35 -16.76
CA GLY B 350 -0.11 4.04 -15.36
C GLY B 350 -1.37 3.30 -15.00
N GLN B 351 -2.13 2.83 -15.99
CA GLN B 351 -3.41 2.17 -15.72
C GLN B 351 -3.26 0.86 -14.95
N GLN B 352 -2.05 0.32 -14.85
CA GLN B 352 -1.84 -0.87 -14.00
C GLN B 352 -1.83 -0.52 -12.53
N GLY B 353 -1.55 0.73 -12.17
CA GLY B 353 -1.52 1.11 -10.77
C GLY B 353 -0.41 0.43 -9.98
N ASN B 354 0.75 0.23 -10.60
CA ASN B 354 1.91 -0.31 -9.90
C ASN B 354 2.96 0.78 -9.63
N GLY B 355 2.58 2.05 -9.77
CA GLY B 355 3.49 3.14 -9.50
C GLY B 355 4.47 3.46 -10.60
N THR B 356 4.42 2.77 -11.73
CA THR B 356 5.34 2.98 -12.83
C THR B 356 4.55 3.01 -14.13
N THR B 357 5.26 2.94 -15.25
CA THR B 357 4.66 2.67 -16.56
C THR B 357 5.17 1.34 -17.10
N THR B 358 5.53 0.42 -16.22
CA THR B 358 6.01 -0.89 -16.62
C THR B 358 4.84 -1.85 -16.76
N VAL B 359 4.84 -2.60 -17.87
CA VAL B 359 3.79 -3.57 -18.14
C VAL B 359 3.75 -4.63 -17.03
N ASN B 360 2.53 -5.08 -16.70
CA ASN B 360 2.31 -6.24 -15.85
C ASN B 360 2.03 -7.43 -16.75
N ARG B 361 3.02 -8.32 -16.90
CA ARG B 361 2.91 -9.41 -17.86
C ARG B 361 1.91 -10.46 -17.39
N LYS B 362 1.52 -10.40 -16.12
CA LYS B 362 0.99 -11.48 -15.33
C LYS B 362 0.34 -10.84 -14.13
N PRO B 363 -0.77 -11.40 -13.63
CA PRO B 363 -1.62 -10.62 -12.71
C PRO B 363 -0.87 -10.15 -11.48
N THR B 364 -1.05 -8.87 -11.14
CA THR B 364 -0.20 -8.19 -10.17
C THR B 364 -1.05 -7.39 -9.20
N LEU B 365 -0.76 -7.53 -7.90
CA LEU B 365 -1.50 -6.83 -6.87
C LEU B 365 -1.37 -5.32 -7.05
N VAL B 366 -2.51 -4.63 -7.07
CA VAL B 366 -2.52 -3.18 -7.20
C VAL B 366 -2.17 -2.56 -5.84
N GLN B 367 -1.22 -1.63 -5.85
CA GLN B 367 -0.71 -1.04 -4.63
C GLN B 367 -1.63 0.06 -4.10
N GLY B 368 -1.44 0.39 -2.82
CA GLY B 368 -2.08 1.54 -2.23
C GLY B 368 -3.55 1.40 -1.88
N LEU B 369 -4.06 0.17 -1.77
CA LEU B 369 -5.46 -0.04 -1.47
C LEU B 369 -5.69 -0.89 -0.22
N GLU B 370 -4.65 -1.16 0.57
CA GLU B 370 -4.86 -1.86 1.82
C GLU B 370 -5.75 -1.03 2.74
N GLY B 371 -6.70 -1.69 3.38
CA GLY B 371 -7.72 -1.00 4.15
C GLY B 371 -8.97 -0.67 3.36
N GLN B 372 -8.93 -0.83 2.04
CA GLN B 372 -10.09 -0.59 1.18
C GLN B 372 -10.58 -1.95 0.67
N LYS B 373 -11.81 -2.30 1.05
CA LYS B 373 -12.39 -3.58 0.66
C LYS B 373 -13.10 -3.37 -0.68
N ILE B 374 -12.35 -3.50 -1.76
CA ILE B 374 -12.88 -3.23 -3.09
C ILE B 374 -13.85 -4.34 -3.48
N THR B 375 -15.01 -3.95 -4.02
CA THR B 375 -15.97 -4.91 -4.55
C THR B 375 -16.21 -4.78 -6.05
N ARG B 376 -15.89 -3.64 -6.65
CA ARG B 376 -16.16 -3.40 -8.06
C ARG B 376 -15.01 -2.65 -8.70
N VAL B 377 -14.77 -2.94 -9.98
CA VAL B 377 -13.79 -2.24 -10.79
C VAL B 377 -14.44 -1.81 -12.10
N ALA B 378 -13.80 -0.86 -12.76
CA ALA B 378 -14.21 -0.39 -14.07
C ALA B 378 -12.99 0.14 -14.80
N CYS B 379 -13.05 0.10 -16.13
CA CYS B 379 -11.94 0.56 -16.95
C CYS B 379 -12.45 1.40 -18.11
N GLY B 380 -11.62 2.34 -18.53
CA GLY B 380 -11.74 2.99 -19.81
C GLY B 380 -10.63 2.57 -20.76
N SER B 381 -10.43 3.39 -21.79
CA SER B 381 -9.39 3.08 -22.77
C SER B 381 -8.03 2.88 -22.10
N SER B 382 -7.63 3.84 -21.26
CA SER B 382 -6.32 3.79 -20.61
C SER B 382 -6.39 4.18 -19.14
N HIS B 383 -7.53 3.98 -18.50
CA HIS B 383 -7.69 4.37 -17.11
C HIS B 383 -8.51 3.33 -16.36
N SER B 384 -8.43 3.39 -15.03
CA SER B 384 -8.90 2.34 -14.16
C SER B 384 -9.64 2.94 -12.97
N VAL B 385 -10.63 2.19 -12.47
CA VAL B 385 -11.47 2.63 -11.35
C VAL B 385 -11.74 1.43 -10.45
N ALA B 386 -11.73 1.66 -9.14
CA ALA B 386 -12.09 0.66 -8.16
C ALA B 386 -12.86 1.33 -7.03
N TRP B 387 -13.89 0.66 -6.52
CA TRP B 387 -14.63 1.27 -5.42
C TRP B 387 -15.18 0.23 -4.47
N THR B 388 -15.49 0.70 -3.27
CA THR B 388 -16.05 -0.07 -2.17
C THR B 388 -17.54 0.23 -2.04
N THR B 389 -18.22 -0.60 -1.25
CA THR B 389 -19.60 -0.32 -0.87
C THR B 389 -19.91 -0.90 0.51
N THR C 22 32.02 17.52 12.53
CA THR C 22 31.10 16.75 11.70
C THR C 22 30.40 15.69 12.55
N LYS C 23 29.08 15.61 12.43
CA LYS C 23 28.32 14.60 13.15
C LYS C 23 28.00 13.44 12.22
N VAL C 24 28.09 12.22 12.74
CA VAL C 24 27.85 11.02 11.96
C VAL C 24 26.80 10.17 12.66
N PHE C 25 25.77 9.76 11.92
CA PHE C 25 24.72 8.91 12.41
C PHE C 25 24.69 7.62 11.61
N VAL C 26 24.46 6.49 12.30
CA VAL C 26 24.49 5.17 11.67
C VAL C 26 23.31 4.34 12.17
N TRP C 27 22.88 3.40 11.33
CA TRP C 27 21.82 2.47 11.69
C TRP C 27 21.87 1.29 10.73
N GLY C 28 21.08 0.26 11.05
CA GLY C 28 21.06 -0.93 10.24
C GLY C 28 21.73 -2.14 10.88
N LEU C 29 22.26 -3.03 10.05
CA LEU C 29 22.88 -4.26 10.54
C LEU C 29 24.18 -3.97 11.28
N ASN C 30 24.40 -4.69 12.39
CA ASN C 30 25.55 -4.47 13.25
C ASN C 30 26.09 -5.78 13.81
N ASP C 31 25.89 -6.89 13.07
CA ASP C 31 26.27 -8.20 13.61
C ASP C 31 27.79 -8.39 13.62
N LYS C 32 28.50 -7.79 12.67
CA LYS C 32 29.95 -7.79 12.66
C LYS C 32 30.54 -6.48 13.17
N ASP C 33 29.76 -5.73 13.96
CA ASP C 33 30.17 -4.42 14.49
C ASP C 33 30.52 -3.44 13.36
N GLN C 34 29.82 -3.55 12.23
CA GLN C 34 30.10 -2.64 11.12
C GLN C 34 29.60 -1.22 11.36
N LEU C 35 28.81 -0.99 12.40
CA LEU C 35 28.42 0.38 12.73
C LEU C 35 29.45 1.08 13.61
N GLY C 36 30.49 0.37 14.06
CA GLY C 36 31.65 1.01 14.63
C GLY C 36 31.62 1.24 16.13
N GLY C 37 30.81 0.51 16.88
CA GLY C 37 30.83 0.63 18.32
C GLY C 37 29.49 0.88 18.97
N LEU C 38 28.44 0.28 18.40
CA LEU C 38 27.12 0.31 18.99
C LEU C 38 26.74 -1.08 19.46
N LYS C 39 25.85 -1.13 20.44
CA LYS C 39 25.45 -2.38 21.08
C LYS C 39 24.12 -2.84 20.50
N GLY C 40 24.05 -4.11 20.14
CA GLY C 40 22.86 -4.66 19.50
C GLY C 40 23.15 -5.00 18.05
N SER C 41 22.52 -6.06 17.55
CA SER C 41 22.79 -6.53 16.20
C SER C 41 21.98 -5.79 15.13
N LYS C 42 20.87 -5.14 15.50
CA LYS C 42 20.10 -4.30 14.60
C LYS C 42 19.91 -2.95 15.26
N ILE C 43 20.25 -1.88 14.56
CA ILE C 43 19.98 -0.52 15.01
C ILE C 43 18.92 0.06 14.11
N LYS C 44 17.71 0.20 14.65
CA LYS C 44 16.52 0.54 13.86
C LYS C 44 16.28 2.04 13.75
N VAL C 45 17.09 2.87 14.42
CA VAL C 45 16.99 4.32 14.38
C VAL C 45 18.37 4.92 14.12
N PRO C 46 18.48 6.01 13.39
CA PRO C 46 19.76 6.72 13.30
C PRO C 46 20.35 7.00 14.67
N SER C 47 21.59 6.57 14.86
CA SER C 47 22.25 6.63 16.15
C SER C 47 23.55 7.38 16.00
N PHE C 48 23.77 8.37 16.85
CA PHE C 48 25.01 9.13 16.84
C PHE C 48 26.19 8.20 17.05
N SER C 49 27.12 8.19 16.11
CA SER C 49 28.33 7.39 16.22
C SER C 49 29.38 8.24 16.93
N GLU C 50 29.66 7.90 18.19
CA GLU C 50 30.69 8.63 18.92
C GLU C 50 32.07 8.46 18.27
N THR C 51 32.36 7.25 17.76
CA THR C 51 33.69 6.98 17.22
C THR C 51 33.89 7.60 15.85
N LEU C 52 32.87 7.57 14.99
CA LEU C 52 33.03 8.15 13.65
C LEU C 52 32.96 9.67 13.68
N SER C 53 32.15 10.24 14.57
CA SER C 53 32.06 11.70 14.67
C SER C 53 33.37 12.30 15.17
N ALA C 54 34.14 11.54 15.95
CA ALA C 54 35.39 12.06 16.49
C ALA C 54 36.47 12.23 15.42
N LEU C 55 36.26 11.68 14.23
CA LEU C 55 37.30 11.60 13.21
C LEU C 55 37.32 12.80 12.26
N ASN C 56 36.31 13.66 12.29
CA ASN C 56 36.13 14.73 11.30
C ASN C 56 36.12 14.14 9.88
N VAL C 57 35.11 13.33 9.60
CA VAL C 57 35.06 12.63 8.32
C VAL C 57 34.67 13.59 7.21
N VAL C 58 35.20 13.33 6.02
CA VAL C 58 34.70 13.96 4.79
C VAL C 58 33.98 12.98 3.88
N GLN C 59 34.02 11.68 4.18
CA GLN C 59 33.43 10.67 3.32
C GLN C 59 33.38 9.36 4.10
N VAL C 60 32.17 8.80 4.22
CA VAL C 60 31.95 7.47 4.78
C VAL C 60 31.47 6.57 3.63
N ALA C 61 31.93 5.33 3.61
CA ALA C 61 31.57 4.41 2.55
C ALA C 61 31.28 3.05 3.15
N GLY C 62 30.26 2.38 2.63
CA GLY C 62 29.80 1.11 3.14
C GLY C 62 30.05 -0.01 2.14
N GLY C 63 30.68 -1.08 2.63
CA GLY C 63 30.82 -2.31 1.90
C GLY C 63 29.97 -3.42 2.51
N SER C 64 30.31 -4.65 2.11
CA SER C 64 29.63 -5.82 2.68
C SER C 64 30.00 -5.95 4.15
N LYS C 65 29.06 -5.58 5.04
CA LYS C 65 29.27 -5.65 6.49
C LYS C 65 30.56 -4.93 6.89
N SER C 66 30.84 -3.83 6.22
CA SER C 66 32.07 -3.09 6.45
C SER C 66 31.77 -1.61 6.30
N LEU C 67 32.65 -0.79 6.85
CA LEU C 67 32.39 0.63 6.83
C LEU C 67 33.75 1.35 6.83
N PHE C 68 33.88 2.36 5.97
CA PHE C 68 35.13 3.10 5.84
C PHE C 68 34.88 4.59 6.00
N ALA C 69 35.86 5.29 6.55
CA ALA C 69 35.75 6.73 6.77
C ALA C 69 37.05 7.42 6.34
N VAL C 70 36.92 8.46 5.54
CA VAL C 70 38.03 9.31 5.13
C VAL C 70 37.95 10.61 5.91
N THR C 71 39.05 10.99 6.55
CA THR C 71 39.08 12.17 7.40
C THR C 71 39.52 13.40 6.60
N VAL C 72 39.26 14.58 7.19
CA VAL C 72 39.57 15.84 6.52
C VAL C 72 41.07 15.98 6.27
N GLU C 73 41.90 15.25 7.00
CA GLU C 73 43.34 15.27 6.78
C GLU C 73 43.83 14.07 5.98
N GLY C 74 42.92 13.29 5.40
CA GLY C 74 43.29 12.26 4.45
C GLY C 74 43.60 10.89 5.03
N LYS C 75 43.29 10.63 6.29
CA LYS C 75 43.46 9.31 6.86
C LYS C 75 42.23 8.46 6.58
N VAL C 76 42.40 7.15 6.65
CA VAL C 76 41.33 6.19 6.38
C VAL C 76 41.18 5.26 7.58
N TYR C 77 39.95 5.10 8.04
CA TYR C 77 39.60 4.18 9.12
C TYR C 77 38.59 3.17 8.61
N ALA C 78 38.60 1.98 9.19
CA ALA C 78 37.70 0.91 8.77
C ALA C 78 37.22 0.11 9.97
N CYS C 79 36.01 -0.44 9.85
CA CYS C 79 35.47 -1.32 10.88
C CYS C 79 34.50 -2.29 10.21
N GLY C 80 34.20 -3.37 10.93
CA GLY C 80 33.29 -4.38 10.42
C GLY C 80 33.94 -5.73 10.22
N GLU C 81 33.41 -6.51 9.27
CA GLU C 81 33.93 -7.84 9.01
C GLU C 81 35.27 -7.77 8.30
N ALA C 82 36.24 -8.55 8.78
CA ALA C 82 37.59 -8.52 8.25
C ALA C 82 37.86 -9.64 7.23
N THR C 83 36.89 -10.50 6.97
CA THR C 83 37.08 -11.62 6.06
C THR C 83 37.54 -11.15 4.69
N ASN C 84 38.39 -11.96 4.05
CA ASN C 84 38.95 -11.72 2.72
C ASN C 84 39.87 -10.51 2.69
N GLY C 85 40.28 -9.98 3.85
CA GLY C 85 41.10 -8.80 3.89
C GLY C 85 40.42 -7.55 3.41
N ARG C 86 39.09 -7.50 3.46
CA ARG C 86 38.33 -6.42 2.83
C ARG C 86 38.56 -5.07 3.49
N LEU C 87 39.01 -5.03 4.75
CA LEU C 87 39.22 -3.76 5.43
C LEU C 87 40.62 -3.20 5.23
N GLY C 88 41.56 -3.99 4.73
CA GLY C 88 42.89 -3.49 4.47
C GLY C 88 43.73 -3.25 5.70
N LEU C 89 43.46 -3.97 6.80
CA LEU C 89 44.16 -3.80 8.05
C LEU C 89 45.17 -4.91 8.31
N GLY C 90 45.62 -5.59 7.26
CA GLY C 90 46.60 -6.65 7.43
C GLY C 90 46.05 -7.92 8.06
N ILE C 91 44.73 -8.06 8.12
CA ILE C 91 44.09 -9.23 8.69
C ILE C 91 43.07 -9.77 7.69
N SER C 92 42.69 -11.03 7.89
CA SER C 92 41.77 -11.69 6.97
C SER C 92 40.71 -12.51 7.68
N SER C 93 40.50 -12.30 8.97
CA SER C 93 39.49 -13.04 9.71
C SER C 93 39.04 -12.23 10.91
N GLY C 94 37.86 -12.57 11.41
CA GLY C 94 37.30 -11.87 12.56
C GLY C 94 36.60 -10.59 12.18
N THR C 95 36.49 -9.69 13.16
CA THR C 95 35.87 -8.39 12.97
C THR C 95 36.74 -7.31 13.59
N VAL C 96 36.46 -6.07 13.22
CA VAL C 96 37.12 -4.90 13.77
C VAL C 96 36.04 -4.00 14.37
N PRO C 97 35.81 -4.10 15.69
CA PRO C 97 34.62 -3.47 16.27
C PRO C 97 34.70 -1.96 16.43
N ILE C 98 35.90 -1.40 16.46
CA ILE C 98 36.09 0.04 16.60
C ILE C 98 36.84 0.52 15.36
N PRO C 99 36.48 1.66 14.77
CA PRO C 99 37.21 2.13 13.58
C PRO C 99 38.70 2.27 13.85
N ARG C 100 39.50 1.56 13.05
CA ARG C 100 40.95 1.56 13.18
C ARG C 100 41.58 2.07 11.88
N GLN C 101 42.70 2.79 12.02
CA GLN C 101 43.31 3.44 10.88
C GLN C 101 44.00 2.42 9.97
N ILE C 102 43.80 2.59 8.67
CA ILE C 102 44.54 1.86 7.66
C ILE C 102 45.94 2.48 7.57
N THR C 103 46.86 2.01 8.41
CA THR C 103 48.16 2.67 8.54
C THR C 103 49.04 2.50 7.31
N ALA C 104 48.73 1.54 6.43
CA ALA C 104 49.50 1.41 5.20
C ALA C 104 49.35 2.62 4.29
N LEU C 105 48.33 3.44 4.53
CA LEU C 105 48.08 4.66 3.78
C LEU C 105 48.48 5.91 4.55
N SER C 106 49.19 5.75 5.67
CA SER C 106 49.42 6.88 6.57
C SER C 106 50.15 8.02 5.87
N SER C 107 51.09 7.71 4.97
CA SER C 107 51.90 8.74 4.31
C SER C 107 51.25 9.29 3.04
N TYR C 108 49.95 9.09 2.87
CA TYR C 108 49.23 9.61 1.72
C TYR C 108 47.97 10.32 2.19
N VAL C 109 47.57 11.34 1.43
CA VAL C 109 46.36 12.10 1.69
C VAL C 109 45.27 11.51 0.79
N VAL C 110 44.47 10.60 1.33
CA VAL C 110 43.35 10.00 0.62
C VAL C 110 42.20 10.99 0.56
N LYS C 111 41.57 11.13 -0.62
CA LYS C 111 40.33 11.90 -0.73
C LYS C 111 39.08 11.06 -0.91
N LYS C 112 39.19 9.79 -1.28
CA LYS C 112 37.97 9.02 -1.53
C LYS C 112 38.30 7.55 -1.40
N VAL C 113 37.36 6.80 -0.84
CA VAL C 113 37.37 5.35 -0.84
C VAL C 113 36.20 4.87 -1.70
N ALA C 114 36.47 3.91 -2.59
CA ALA C 114 35.44 3.32 -3.43
C ALA C 114 35.22 1.88 -3.01
N VAL C 115 33.96 1.52 -2.77
CA VAL C 115 33.60 0.15 -2.41
C VAL C 115 32.15 -0.06 -2.80
N HIS C 116 31.82 -1.28 -3.23
CA HIS C 116 30.43 -1.61 -3.47
C HIS C 116 29.76 -2.02 -2.17
N SER C 117 28.45 -1.80 -2.11
CA SER C 117 27.69 -2.20 -0.91
C SER C 117 27.81 -3.69 -0.66
N GLY C 118 27.95 -4.49 -1.71
CA GLY C 118 28.18 -5.91 -1.55
C GLY C 118 29.59 -6.33 -1.88
N GLY C 119 30.55 -5.41 -1.73
CA GLY C 119 31.92 -5.68 -2.14
C GLY C 119 32.80 -6.15 -1.01
N ARG C 120 33.79 -6.98 -1.36
CA ARG C 120 34.82 -7.42 -0.44
C ARG C 120 36.20 -6.91 -0.85
N HIS C 121 36.24 -5.90 -1.71
CA HIS C 121 37.48 -5.22 -2.07
C HIS C 121 37.17 -3.74 -2.23
N ALA C 122 38.21 -2.92 -2.17
CA ALA C 122 38.02 -1.48 -2.22
C ALA C 122 39.27 -0.83 -2.80
N THR C 123 39.10 0.42 -3.24
CA THR C 123 40.21 1.25 -3.68
C THR C 123 40.17 2.58 -2.95
N ALA C 124 41.34 3.18 -2.83
CA ALA C 124 41.49 4.52 -2.27
C ALA C 124 42.18 5.40 -3.29
N LEU C 125 41.78 6.68 -3.33
CA LEU C 125 42.32 7.64 -4.28
C LEU C 125 42.89 8.82 -3.50
N THR C 126 44.16 9.11 -3.72
CA THR C 126 44.81 10.21 -3.04
C THR C 126 44.58 11.52 -3.79
N VAL C 127 44.91 12.63 -3.12
CA VAL C 127 44.85 13.92 -3.79
C VAL C 127 45.88 13.98 -4.90
N ASP C 128 46.93 13.18 -4.80
CA ASP C 128 47.93 13.04 -5.88
C ASP C 128 47.27 12.58 -7.17
N GLY C 129 46.18 11.82 -7.06
CA GLY C 129 45.66 11.05 -8.18
C GLY C 129 46.16 9.62 -8.22
N LYS C 130 46.77 9.13 -7.13
CA LYS C 130 47.24 7.76 -7.05
C LYS C 130 46.14 6.86 -6.49
N VAL C 131 46.09 5.63 -6.98
CA VAL C 131 45.06 4.66 -6.59
C VAL C 131 45.72 3.47 -5.90
N PHE C 132 45.19 3.10 -4.74
CA PHE C 132 45.57 1.88 -4.02
C PHE C 132 44.36 0.96 -3.97
N SER C 133 44.60 -0.34 -3.85
CA SER C 133 43.53 -1.33 -3.76
C SER C 133 43.90 -2.42 -2.76
N TRP C 134 42.87 -3.14 -2.31
CA TRP C 134 43.00 -4.21 -1.31
C TRP C 134 41.70 -5.00 -1.24
N GLY C 135 41.78 -6.20 -0.65
CA GLY C 135 40.61 -7.06 -0.52
C GLY C 135 40.69 -8.35 -1.31
N GLU C 136 39.55 -8.99 -1.64
CA GLU C 136 39.61 -10.08 -2.61
C GLU C 136 40.24 -9.62 -3.90
N GLY C 137 41.08 -10.49 -4.46
CA GLY C 137 41.63 -10.20 -5.78
C GLY C 137 41.08 -11.10 -6.86
N ASP C 138 39.99 -11.80 -6.58
CA ASP C 138 39.46 -12.75 -7.55
C ASP C 138 39.15 -12.02 -8.84
N ASP C 139 39.41 -12.68 -9.97
CA ASP C 139 39.14 -12.13 -11.29
C ASP C 139 39.95 -10.87 -11.59
N GLY C 140 40.95 -10.53 -10.78
CA GLY C 140 41.81 -9.41 -11.07
C GLY C 140 41.27 -8.04 -10.69
N LYS C 141 40.23 -7.98 -9.87
CA LYS C 141 39.57 -6.72 -9.54
C LYS C 141 40.48 -5.75 -8.79
N LEU C 142 41.56 -6.23 -8.20
CA LEU C 142 42.52 -5.33 -7.55
C LEU C 142 43.44 -4.64 -8.54
N GLY C 143 43.65 -5.23 -9.72
CA GLY C 143 44.37 -4.55 -10.78
C GLY C 143 45.86 -4.67 -10.75
N HIS C 144 46.42 -5.64 -10.01
CA HIS C 144 47.86 -5.86 -9.96
C HIS C 144 48.32 -6.98 -10.88
N PHE C 145 47.57 -7.25 -11.94
CA PHE C 145 47.91 -8.31 -12.90
C PHE C 145 48.02 -9.66 -12.23
N SER C 146 47.09 -9.95 -11.31
CA SER C 146 47.02 -11.25 -10.68
C SER C 146 45.64 -11.42 -10.07
N ARG C 147 45.41 -12.60 -9.47
CA ARG C 147 44.14 -12.95 -8.86
C ARG C 147 44.25 -13.11 -7.35
N MET C 148 45.34 -12.65 -6.74
CA MET C 148 45.59 -12.87 -5.32
C MET C 148 44.98 -11.76 -4.47
N ASN C 149 44.47 -12.16 -3.30
CA ASN C 149 44.02 -11.19 -2.32
C ASN C 149 45.17 -10.33 -1.83
N CYS C 150 44.85 -9.12 -1.39
CA CYS C 150 45.80 -8.21 -0.76
C CYS C 150 45.16 -7.73 0.53
N ASP C 151 45.72 -8.13 1.68
CA ASP C 151 45.14 -7.73 2.96
C ASP C 151 45.55 -6.32 3.37
N LYS C 152 46.34 -5.63 2.55
CA LYS C 152 46.86 -4.30 2.82
C LYS C 152 46.78 -3.52 1.52
N PRO C 153 46.52 -2.20 1.57
CA PRO C 153 46.46 -1.42 0.34
C PRO C 153 47.78 -1.50 -0.43
N ARG C 154 47.66 -1.55 -1.75
CA ARG C 154 48.82 -1.67 -2.63
C ARG C 154 48.61 -0.78 -3.85
N LEU C 155 49.63 0.00 -4.19
CA LEU C 155 49.53 0.91 -5.32
C LEU C 155 49.26 0.15 -6.61
N ILE C 156 48.26 0.59 -7.36
CA ILE C 156 47.98 0.04 -8.68
C ILE C 156 49.05 0.61 -9.62
N GLU C 157 50.09 -0.18 -9.90
CA GLU C 157 51.23 0.31 -10.66
C GLU C 157 50.81 0.78 -12.05
N ALA C 158 49.87 0.08 -12.67
CA ALA C 158 49.47 0.40 -14.05
C ALA C 158 48.92 1.81 -14.19
N LEU C 159 48.51 2.44 -13.09
CA LEU C 159 47.85 3.74 -13.15
C LEU C 159 48.72 4.89 -12.65
N LYS C 160 49.95 4.63 -12.22
CA LYS C 160 50.69 5.66 -11.49
C LYS C 160 51.12 6.84 -12.37
N THR C 161 51.15 6.67 -13.69
CA THR C 161 51.41 7.82 -14.57
C THR C 161 50.13 8.51 -15.00
N LYS C 162 48.97 8.01 -14.56
CA LYS C 162 47.70 8.65 -14.87
C LYS C 162 47.21 9.47 -13.70
N ARG C 163 46.51 10.56 -14.04
CA ARG C 163 46.10 11.57 -13.09
C ARG C 163 44.63 11.25 -12.80
N ILE C 164 44.40 10.30 -11.88
CA ILE C 164 43.08 9.71 -11.64
C ILE C 164 42.24 10.71 -10.86
N ARG C 165 41.02 10.91 -11.33
CA ARG C 165 40.12 11.90 -10.77
C ARG C 165 38.99 11.31 -9.94
N ASP C 166 38.59 10.06 -10.21
CA ASP C 166 37.54 9.42 -9.43
C ASP C 166 37.66 7.90 -9.61
N ILE C 167 37.02 7.16 -8.69
CA ILE C 167 37.10 5.71 -8.67
C ILE C 167 35.72 5.14 -8.32
N ALA C 168 35.55 3.87 -8.66
CA ALA C 168 34.36 3.12 -8.28
C ALA C 168 34.71 1.64 -8.25
N CYS C 169 33.98 0.89 -7.43
CA CYS C 169 34.17 -0.56 -7.34
C CYS C 169 32.82 -1.26 -7.34
N GLY C 170 32.76 -2.38 -8.05
CA GLY C 170 31.68 -3.33 -7.93
C GLY C 170 32.05 -4.46 -6.98
N SER C 171 31.31 -5.56 -7.11
CA SER C 171 31.68 -6.74 -6.32
C SER C 171 32.75 -7.56 -7.00
N SER C 172 32.89 -7.46 -8.33
CA SER C 172 33.84 -8.27 -9.06
C SER C 172 34.63 -7.48 -10.10
N HIS C 173 34.51 -6.16 -10.14
CA HIS C 173 35.29 -5.36 -11.07
C HIS C 173 35.41 -3.94 -10.51
N SER C 174 36.26 -3.15 -11.15
CA SER C 174 36.62 -1.84 -10.62
C SER C 174 36.79 -0.86 -11.77
N ALA C 175 36.81 0.42 -11.43
CA ALA C 175 36.91 1.47 -12.42
C ALA C 175 37.64 2.67 -11.86
N ALA C 176 38.26 3.44 -12.76
CA ALA C 176 38.90 4.70 -12.43
C ALA C 176 38.83 5.58 -13.67
N LEU C 177 38.71 6.89 -13.46
CA LEU C 177 38.66 7.82 -14.57
C LEU C 177 39.67 8.94 -14.37
N THR C 178 40.29 9.38 -15.46
CA THR C 178 41.35 10.36 -15.43
C THR C 178 40.78 11.77 -15.44
N SER C 179 41.64 12.73 -15.08
CA SER C 179 41.26 14.14 -15.15
C SER C 179 40.90 14.55 -16.58
N SER C 180 41.40 13.84 -17.59
CA SER C 180 41.08 14.12 -18.98
C SER C 180 39.80 13.42 -19.45
N GLY C 181 39.15 12.64 -18.59
CA GLY C 181 37.88 12.05 -18.93
C GLY C 181 37.94 10.67 -19.53
N GLU C 182 39.08 9.98 -19.47
CA GLU C 182 39.19 8.61 -19.92
C GLU C 182 38.80 7.66 -18.79
N LEU C 183 38.13 6.56 -19.14
CA LEU C 183 37.65 5.59 -18.17
C LEU C 183 38.44 4.29 -18.29
N TYR C 184 38.92 3.78 -17.16
CA TYR C 184 39.52 2.47 -17.06
C TYR C 184 38.57 1.52 -16.32
N THR C 185 38.50 0.28 -16.78
CA THR C 185 37.83 -0.78 -16.03
C THR C 185 38.74 -2.01 -16.02
N TRP C 186 38.56 -2.83 -14.99
CA TRP C 186 39.32 -4.07 -14.88
C TRP C 186 38.58 -5.00 -13.93
N GLY C 187 38.94 -6.28 -13.99
CA GLY C 187 38.30 -7.29 -13.17
C GLY C 187 37.56 -8.34 -13.97
N LEU C 188 36.51 -8.91 -13.39
CA LEU C 188 35.78 -10.00 -14.03
C LEU C 188 35.14 -9.52 -15.33
N GLY C 189 35.39 -10.25 -16.42
CA GLY C 189 34.86 -9.87 -17.71
C GLY C 189 33.48 -10.39 -18.03
N GLU C 190 32.96 -11.31 -17.23
CA GLU C 190 31.71 -12.00 -17.55
C GLU C 190 30.56 -11.02 -17.79
N TYR C 191 29.77 -11.33 -18.82
CA TYR C 191 28.54 -10.60 -19.16
C TYR C 191 28.81 -9.14 -19.53
N GLY C 192 30.05 -8.81 -19.89
CA GLY C 192 30.35 -7.54 -20.51
C GLY C 192 30.50 -6.35 -19.59
N ARG C 193 30.64 -6.56 -18.29
CA ARG C 193 30.64 -5.43 -17.35
C ARG C 193 31.82 -4.49 -17.55
N LEU C 194 32.90 -4.96 -18.18
CA LEU C 194 34.07 -4.11 -18.38
C LEU C 194 33.92 -3.17 -19.58
N GLY C 195 33.07 -3.53 -20.55
CA GLY C 195 32.78 -2.63 -21.65
C GLY C 195 33.78 -2.60 -22.78
N HIS C 196 34.55 -3.68 -22.97
CA HIS C 196 35.58 -3.71 -24.00
C HIS C 196 35.17 -4.53 -25.22
N GLY C 197 33.88 -4.70 -25.45
CA GLY C 197 33.44 -5.43 -26.62
C GLY C 197 33.66 -6.93 -26.57
N ASP C 198 33.99 -7.46 -25.40
CA ASP C 198 34.08 -8.89 -25.20
C ASP C 198 33.76 -9.18 -23.73
N ASN C 199 33.85 -10.45 -23.37
CA ASN C 199 33.61 -10.88 -21.99
C ASN C 199 34.90 -11.30 -21.29
N THR C 200 36.03 -10.72 -21.70
CA THR C 200 37.34 -11.16 -21.24
C THR C 200 37.72 -10.47 -19.93
N THR C 201 38.15 -11.26 -18.96
CA THR C 201 38.65 -10.73 -17.70
C THR C 201 39.92 -9.91 -17.93
N GLN C 202 40.03 -8.77 -17.23
CA GLN C 202 41.20 -7.91 -17.33
C GLN C 202 41.84 -7.80 -15.95
N LEU C 203 43.05 -8.33 -15.82
CA LEU C 203 43.79 -8.29 -14.56
C LEU C 203 44.50 -6.95 -14.34
N LYS C 204 44.50 -6.07 -15.33
CA LYS C 204 45.06 -4.72 -15.25
C LYS C 204 44.02 -3.73 -15.74
N PRO C 205 44.11 -2.48 -15.29
CA PRO C 205 43.22 -1.44 -15.83
C PRO C 205 43.31 -1.36 -17.34
N LYS C 206 42.16 -1.30 -18.00
CA LYS C 206 42.07 -1.22 -19.44
C LYS C 206 41.09 -0.12 -19.82
N MET C 207 41.50 0.74 -20.75
CA MET C 207 40.71 1.92 -21.07
C MET C 207 39.55 1.54 -21.96
N VAL C 208 38.38 2.12 -21.68
CA VAL C 208 37.16 1.83 -22.44
C VAL C 208 37.21 2.65 -23.72
N LYS C 209 37.56 1.99 -24.84
CA LYS C 209 37.78 2.71 -26.10
C LYS C 209 36.51 3.40 -26.58
N VAL C 210 35.36 2.74 -26.41
CA VAL C 210 34.12 3.25 -27.00
C VAL C 210 33.75 4.62 -26.43
N LEU C 211 34.21 4.93 -25.21
CA LEU C 211 33.86 6.21 -24.60
C LEU C 211 34.84 7.34 -24.92
N LEU C 212 35.94 7.05 -25.62
CA LEU C 212 36.83 8.13 -26.05
C LEU C 212 36.05 9.12 -26.91
N GLY C 213 36.37 10.40 -26.75
CA GLY C 213 35.60 11.46 -27.34
C GLY C 213 34.57 12.06 -26.40
N HIS C 214 34.11 11.29 -25.43
CA HIS C 214 33.33 11.80 -24.32
C HIS C 214 34.23 11.97 -23.11
N ARG C 215 34.04 13.08 -22.39
CA ARG C 215 34.71 13.30 -21.12
C ARG C 215 33.87 12.65 -20.02
N VAL C 216 34.33 11.50 -19.51
CA VAL C 216 33.61 10.78 -18.47
C VAL C 216 33.98 11.38 -17.12
N ILE C 217 32.96 11.70 -16.32
CA ILE C 217 33.17 12.38 -15.05
C ILE C 217 32.68 11.59 -13.86
N GLN C 218 31.80 10.60 -14.03
CA GLN C 218 31.46 9.66 -12.97
C GLN C 218 31.28 8.27 -13.54
N VAL C 219 31.45 7.27 -12.68
CA VAL C 219 31.27 5.87 -13.01
C VAL C 219 30.73 5.14 -11.79
N ALA C 220 29.89 4.13 -12.03
CA ALA C 220 29.33 3.31 -10.97
C ALA C 220 29.31 1.85 -11.43
N CYS C 221 29.53 0.94 -10.49
CA CYS C 221 29.72 -0.48 -10.80
C CYS C 221 28.75 -1.32 -9.99
N GLY C 222 28.15 -2.32 -10.64
CA GLY C 222 27.19 -3.19 -9.99
C GLY C 222 27.84 -4.42 -9.38
N SER C 223 26.98 -5.36 -8.97
CA SER C 223 27.42 -6.57 -8.29
C SER C 223 26.75 -7.80 -8.91
N ARG C 224 27.23 -8.97 -8.50
CA ARG C 224 26.79 -10.28 -9.03
C ARG C 224 26.91 -10.22 -10.56
N ASP C 225 25.86 -10.59 -11.30
CA ASP C 225 25.83 -10.35 -12.74
C ASP C 225 25.63 -8.85 -12.94
N ALA C 226 26.72 -8.12 -13.12
CA ALA C 226 26.77 -6.70 -12.84
C ALA C 226 26.61 -5.84 -14.08
N GLN C 227 26.06 -4.65 -13.88
CA GLN C 227 26.06 -3.58 -14.87
C GLN C 227 27.14 -2.56 -14.50
N THR C 228 27.41 -1.67 -15.44
CA THR C 228 28.28 -0.52 -15.20
C THR C 228 27.62 0.71 -15.80
N LEU C 229 27.73 1.84 -15.10
CA LEU C 229 27.17 3.11 -15.55
C LEU C 229 28.27 4.15 -15.64
N ALA C 230 28.12 5.08 -16.58
CA ALA C 230 29.06 6.17 -16.77
C ALA C 230 28.31 7.45 -17.11
N LEU C 231 28.80 8.57 -16.58
CA LEU C 231 28.24 9.88 -16.80
C LEU C 231 29.30 10.78 -17.43
N THR C 232 28.93 11.47 -18.50
CA THR C 232 29.83 12.41 -19.15
C THR C 232 29.51 13.84 -18.71
N ASP C 233 30.37 14.77 -19.13
CA ASP C 233 30.22 16.16 -18.75
C ASP C 233 29.12 16.89 -19.53
N GLU C 234 28.55 16.26 -20.55
CA GLU C 234 27.35 16.76 -21.22
C GLU C 234 26.08 16.16 -20.64
N GLY C 235 26.17 15.46 -19.51
CA GLY C 235 25.01 14.86 -18.90
C GLY C 235 24.55 13.56 -19.52
N LEU C 236 25.31 12.99 -20.46
CA LEU C 236 24.94 11.72 -21.06
C LEU C 236 25.28 10.59 -20.10
N VAL C 237 24.34 9.66 -19.94
CA VAL C 237 24.53 8.48 -19.10
C VAL C 237 24.67 7.27 -20.01
N PHE C 238 25.73 6.50 -19.81
CA PHE C 238 25.96 5.25 -20.51
C PHE C 238 25.85 4.08 -19.56
N SER C 239 25.42 2.93 -20.09
CA SER C 239 25.31 1.71 -19.31
C SER C 239 25.78 0.54 -20.17
N TRP C 240 26.25 -0.52 -19.51
CA TRP C 240 26.65 -1.73 -20.19
C TRP C 240 26.82 -2.84 -19.16
N GLY C 241 26.98 -4.06 -19.66
CA GLY C 241 27.08 -5.22 -18.80
C GLY C 241 25.84 -6.08 -18.81
N ASP C 242 25.55 -6.73 -17.69
CA ASP C 242 24.44 -7.67 -17.61
C ASP C 242 23.10 -6.95 -17.71
N GLY C 243 22.17 -7.54 -18.45
CA GLY C 243 20.90 -6.90 -18.74
C GLY C 243 19.72 -7.35 -17.91
N ASP C 244 19.90 -8.37 -17.07
CA ASP C 244 18.81 -8.91 -16.28
C ASP C 244 18.06 -7.81 -15.53
N PHE C 245 16.73 -7.91 -15.55
CA PHE C 245 15.82 -7.05 -14.79
C PHE C 245 15.83 -5.60 -15.26
N GLY C 246 16.35 -5.33 -16.46
CA GLY C 246 16.28 -4.00 -17.01
C GLY C 246 17.21 -2.99 -16.39
N LYS C 247 18.23 -3.44 -15.65
CA LYS C 247 19.10 -2.49 -14.94
C LYS C 247 20.01 -1.70 -15.87
N LEU C 248 20.05 -2.05 -17.16
CA LEU C 248 20.78 -1.23 -18.13
C LEU C 248 19.96 -0.03 -18.59
N GLY C 249 18.66 0.02 -18.29
CA GLY C 249 17.86 1.18 -18.53
C GLY C 249 17.40 1.38 -19.96
N ARG C 250 17.53 0.38 -20.83
CA ARG C 250 17.12 0.51 -22.22
C ARG C 250 16.09 -0.54 -22.59
N GLY C 251 15.28 -0.95 -21.63
CA GLY C 251 14.19 -1.88 -21.86
C GLY C 251 14.67 -3.31 -21.99
N GLY C 252 13.69 -4.22 -21.95
CA GLY C 252 13.94 -5.62 -22.10
C GLY C 252 14.92 -6.12 -21.07
N SER C 253 15.77 -7.04 -21.49
CA SER C 253 16.70 -7.63 -20.54
C SER C 253 18.00 -8.04 -21.22
N GLU C 254 18.26 -7.62 -22.45
CA GLU C 254 19.47 -8.10 -23.18
C GLU C 254 20.73 -7.45 -22.62
N GLY C 255 21.79 -8.26 -22.43
CA GLY C 255 23.05 -7.68 -22.03
C GLY C 255 23.73 -6.97 -23.18
N CYS C 256 24.76 -6.20 -22.83
CA CYS C 256 25.70 -5.73 -23.85
C CYS C 256 27.10 -5.58 -23.25
N ASN C 257 28.10 -5.56 -24.13
CA ASN C 257 29.49 -5.44 -23.70
C ASN C 257 30.19 -4.19 -24.24
N ILE C 258 29.45 -3.22 -24.76
CA ILE C 258 30.00 -1.89 -25.03
C ILE C 258 29.06 -0.85 -24.42
N PRO C 259 29.57 0.30 -24.00
CA PRO C 259 28.68 1.34 -23.46
C PRO C 259 27.60 1.73 -24.45
N GLN C 260 26.40 1.96 -23.93
CA GLN C 260 25.26 2.40 -24.71
C GLN C 260 24.57 3.56 -23.99
N ASN C 261 24.20 4.58 -24.75
CA ASN C 261 23.55 5.75 -24.19
C ASN C 261 22.17 5.38 -23.65
N ILE C 262 21.91 5.74 -22.39
CA ILE C 262 20.56 5.61 -21.83
C ILE C 262 19.77 6.82 -22.33
N GLU C 263 19.03 6.64 -23.43
CA GLU C 263 18.39 7.75 -24.11
C GLU C 263 17.46 8.52 -23.18
N ARG C 264 16.73 7.82 -22.31
CA ARG C 264 15.72 8.48 -21.49
C ARG C 264 16.31 9.55 -20.59
N LEU C 265 17.57 9.40 -20.18
CA LEU C 265 18.16 10.37 -19.26
C LEU C 265 18.85 11.53 -19.97
N ASN C 266 18.78 11.59 -21.30
CA ASN C 266 19.31 12.73 -22.03
C ASN C 266 18.51 13.99 -21.69
N GLY C 267 19.23 15.10 -21.52
CA GLY C 267 18.59 16.37 -21.25
C GLY C 267 18.08 16.55 -19.85
N GLN C 268 18.34 15.60 -18.94
CA GLN C 268 17.81 15.66 -17.58
C GLN C 268 18.78 16.26 -16.58
N GLY C 269 20.03 16.51 -16.96
CA GLY C 269 20.98 17.10 -16.05
C GLY C 269 21.46 16.17 -14.95
N VAL C 270 21.59 14.87 -15.25
CA VAL C 270 22.07 13.91 -14.26
C VAL C 270 23.45 14.34 -13.76
N CYS C 271 23.63 14.29 -12.43
CA CYS C 271 24.90 14.64 -11.83
C CYS C 271 25.46 13.59 -10.89
N GLN C 272 24.70 12.54 -10.57
CA GLN C 272 25.20 11.46 -9.73
C GLN C 272 24.57 10.15 -10.20
N ILE C 273 25.38 9.09 -10.25
CA ILE C 273 24.93 7.76 -10.63
C ILE C 273 25.40 6.75 -9.60
N GLU C 274 24.58 5.72 -9.37
CA GLU C 274 24.89 4.68 -8.40
C GLU C 274 24.30 3.35 -8.85
N CYS C 275 24.93 2.26 -8.42
CA CYS C 275 24.45 0.92 -8.66
C CYS C 275 24.36 0.18 -7.33
N GLY C 276 23.18 -0.32 -7.00
CA GLY C 276 22.98 -1.23 -5.90
C GLY C 276 23.11 -2.67 -6.36
N ALA C 277 22.36 -3.56 -5.69
CA ALA C 277 22.26 -4.94 -6.11
C ALA C 277 21.19 -5.04 -7.19
N GLN C 278 21.63 -5.27 -8.43
CA GLN C 278 20.75 -5.48 -9.58
C GLN C 278 19.88 -4.27 -9.91
N PHE C 279 20.23 -3.07 -9.46
CA PHE C 279 19.47 -1.91 -9.89
C PHE C 279 20.38 -0.69 -9.94
N SER C 280 19.86 0.36 -10.57
CA SER C 280 20.61 1.56 -10.88
C SER C 280 19.82 2.77 -10.40
N LEU C 281 20.55 3.85 -10.12
CA LEU C 281 19.95 5.08 -9.60
C LEU C 281 20.67 6.28 -10.21
N ALA C 282 19.92 7.33 -10.51
CA ALA C 282 20.48 8.58 -11.00
C ALA C 282 19.81 9.75 -10.30
N LEU C 283 20.61 10.77 -10.02
CA LEU C 283 20.15 12.02 -9.44
C LEU C 283 20.47 13.16 -10.38
N THR C 284 19.56 14.12 -10.49
CA THR C 284 19.75 15.26 -11.38
C THR C 284 20.12 16.51 -10.58
N LYS C 285 20.71 17.48 -11.28
CA LYS C 285 20.98 18.78 -10.67
C LYS C 285 19.70 19.46 -10.21
N SER C 286 18.57 19.14 -10.85
CA SER C 286 17.27 19.67 -10.45
C SER C 286 16.74 19.06 -9.16
N GLY C 287 17.30 17.95 -8.71
CA GLY C 287 16.83 17.28 -7.52
C GLY C 287 15.97 16.07 -7.76
N VAL C 288 15.87 15.60 -8.99
CA VAL C 288 15.01 14.48 -9.36
C VAL C 288 15.80 13.18 -9.24
N VAL C 289 15.13 12.14 -8.73
CA VAL C 289 15.74 10.83 -8.56
C VAL C 289 15.09 9.85 -9.53
N TRP C 290 15.91 9.09 -10.24
CA TRP C 290 15.47 8.05 -11.16
C TRP C 290 16.03 6.71 -10.72
N THR C 291 15.21 5.66 -10.77
CA THR C 291 15.68 4.31 -10.50
C THR C 291 15.18 3.35 -11.57
N TRP C 292 15.95 2.29 -11.81
CA TRP C 292 15.53 1.22 -12.69
C TRP C 292 16.28 -0.05 -12.31
N GLY C 293 15.71 -1.19 -12.70
CA GLY C 293 16.32 -2.48 -12.45
C GLY C 293 15.39 -3.42 -11.70
N LYS C 294 16.00 -4.31 -10.93
CA LYS C 294 15.24 -5.37 -10.27
C LYS C 294 14.35 -4.80 -9.16
N GLY C 295 13.12 -5.27 -9.10
CA GLY C 295 12.11 -4.66 -8.25
C GLY C 295 11.89 -5.30 -6.90
N ASP C 296 12.24 -6.59 -6.76
CA ASP C 296 11.92 -7.33 -5.54
C ASP C 296 12.39 -6.56 -4.31
N TYR C 297 11.61 -6.69 -3.23
CA TYR C 297 11.88 -6.07 -1.93
C TYR C 297 11.87 -4.55 -1.98
N PHE C 298 11.30 -3.97 -3.05
CA PHE C 298 10.95 -2.56 -3.12
C PHE C 298 12.18 -1.65 -3.14
N ARG C 299 13.30 -2.15 -3.65
CA ARG C 299 14.54 -1.37 -3.67
C ARG C 299 14.45 -0.17 -4.61
N LEU C 300 13.46 -0.13 -5.52
CA LEU C 300 13.35 0.95 -6.49
C LEU C 300 12.54 2.14 -5.99
N GLY C 301 11.65 1.94 -5.01
CA GLY C 301 10.97 3.05 -4.37
C GLY C 301 9.71 3.55 -5.06
N HIS C 302 9.09 2.75 -5.92
CA HIS C 302 7.89 3.17 -6.62
C HIS C 302 6.62 2.63 -5.99
N GLY C 303 6.70 1.97 -4.83
CA GLY C 303 5.54 1.45 -4.16
C GLY C 303 5.15 0.04 -4.56
N SER C 304 5.68 -0.47 -5.66
CA SER C 304 5.48 -1.85 -6.08
C SER C 304 6.85 -2.50 -6.22
N ASP C 305 6.88 -3.82 -6.32
CA ASP C 305 8.14 -4.54 -6.49
C ASP C 305 8.35 -5.04 -7.91
N VAL C 306 7.64 -4.47 -8.89
CA VAL C 306 7.85 -4.85 -10.27
C VAL C 306 9.19 -4.32 -10.76
N HIS C 307 9.80 -5.05 -11.69
CA HIS C 307 11.01 -4.57 -12.36
C HIS C 307 10.65 -3.39 -13.25
N VAL C 308 11.55 -2.41 -13.35
CA VAL C 308 11.39 -1.32 -14.30
C VAL C 308 12.62 -1.27 -15.19
N ARG C 309 12.40 -1.28 -16.49
CA ARG C 309 13.47 -1.55 -17.46
C ARG C 309 13.98 -0.31 -18.17
N LYS C 310 13.36 0.84 -17.91
CA LYS C 310 13.84 2.15 -18.31
C LYS C 310 13.69 3.09 -17.13
N PRO C 311 14.57 4.09 -17.00
CA PRO C 311 14.56 4.94 -15.80
C PRO C 311 13.19 5.55 -15.52
N GLN C 312 12.79 5.47 -14.25
CA GLN C 312 11.48 5.90 -13.75
C GLN C 312 11.70 6.86 -12.59
N VAL C 313 11.04 8.02 -12.64
CA VAL C 313 11.16 8.99 -11.56
C VAL C 313 10.58 8.39 -10.28
N VAL C 314 11.30 8.58 -9.17
CA VAL C 314 10.78 8.22 -7.86
C VAL C 314 9.80 9.31 -7.44
N GLU C 315 8.52 9.11 -7.72
CA GLU C 315 7.53 10.17 -7.56
C GLU C 315 7.23 10.49 -6.09
N GLY C 316 7.50 9.56 -5.18
CA GLY C 316 7.42 9.90 -3.77
C GLY C 316 8.28 11.08 -3.35
N LEU C 317 9.21 11.52 -4.22
CA LEU C 317 10.15 12.58 -3.88
C LEU C 317 9.97 13.85 -4.71
N ARG C 318 8.90 13.97 -5.49
CA ARG C 318 8.73 15.21 -6.25
C ARG C 318 8.32 16.34 -5.30
N GLY C 319 8.65 17.58 -5.67
CA GLY C 319 8.61 18.69 -4.74
C GLY C 319 9.87 18.84 -3.89
N LYS C 320 10.62 17.78 -3.71
CA LYS C 320 11.80 17.78 -2.85
C LYS C 320 13.06 17.74 -3.70
N LYS C 321 13.94 18.71 -3.47
CA LYS C 321 15.21 18.82 -4.20
C LYS C 321 16.25 17.96 -3.50
N ILE C 322 16.51 16.78 -4.04
CA ILE C 322 17.53 15.89 -3.49
C ILE C 322 18.90 16.39 -3.92
N VAL C 323 19.83 16.47 -2.95
CA VAL C 323 21.19 16.92 -3.21
C VAL C 323 22.21 15.81 -3.07
N HIS C 324 21.83 14.65 -2.53
CA HIS C 324 22.76 13.54 -2.40
C HIS C 324 21.96 12.25 -2.21
N VAL C 325 22.49 11.17 -2.76
CA VAL C 325 21.87 9.85 -2.71
C VAL C 325 22.92 8.81 -2.38
N ALA C 326 22.46 7.68 -1.86
CA ALA C 326 23.34 6.55 -1.58
C ALA C 326 22.50 5.29 -1.71
N VAL C 327 23.17 4.18 -1.95
CA VAL C 327 22.46 2.98 -2.34
C VAL C 327 23.11 1.79 -1.64
N GLY C 328 22.28 0.93 -1.05
CA GLY C 328 22.72 -0.31 -0.46
C GLY C 328 22.45 -1.47 -1.39
N ALA C 329 22.42 -2.68 -0.81
CA ALA C 329 21.99 -3.84 -1.58
C ALA C 329 20.52 -3.72 -1.97
N LEU C 330 19.65 -3.50 -0.97
CA LEU C 330 18.21 -3.47 -1.19
C LEU C 330 17.55 -2.19 -0.69
N HIS C 331 18.32 -1.16 -0.40
CA HIS C 331 17.75 0.07 0.14
C HIS C 331 18.51 1.27 -0.39
N CYS C 332 17.85 2.43 -0.35
CA CYS C 332 18.44 3.69 -0.80
C CYS C 332 18.21 4.76 0.25
N LEU C 333 19.08 5.77 0.21
CA LEU C 333 18.94 6.97 1.04
C LEU C 333 19.02 8.20 0.16
N ALA C 334 18.27 9.24 0.53
CA ALA C 334 18.27 10.48 -0.25
C ALA C 334 18.10 11.67 0.69
N VAL C 335 18.89 12.70 0.45
CA VAL C 335 18.93 13.89 1.31
C VAL C 335 18.36 15.07 0.54
N THR C 336 17.46 15.82 1.17
CA THR C 336 16.96 17.04 0.57
C THR C 336 17.95 18.18 0.81
N ASP C 337 17.71 19.29 0.11
CA ASP C 337 18.50 20.49 0.34
C ASP C 337 18.19 21.15 1.67
N SER C 338 17.17 20.70 2.38
CA SER C 338 16.86 21.18 3.73
C SER C 338 17.38 20.24 4.80
N GLY C 339 18.00 19.12 4.43
CA GLY C 339 18.59 18.20 5.38
C GLY C 339 17.73 17.04 5.82
N GLN C 340 16.57 16.84 5.20
CA GLN C 340 15.73 15.70 5.52
C GLN C 340 16.18 14.46 4.77
N VAL C 341 16.24 13.33 5.47
CA VAL C 341 16.73 12.08 4.92
C VAL C 341 15.53 11.16 4.70
N TYR C 342 15.41 10.63 3.48
CA TYR C 342 14.36 9.69 3.14
C TYR C 342 15.00 8.34 2.78
N ALA C 343 14.32 7.27 3.16
CA ALA C 343 14.78 5.91 2.91
C ALA C 343 13.66 5.09 2.28
N TRP C 344 14.04 4.14 1.44
CA TRP C 344 13.08 3.15 0.96
C TRP C 344 13.81 1.83 0.74
N GLY C 345 13.04 0.75 0.71
CA GLY C 345 13.57 -0.56 0.44
C GLY C 345 13.46 -1.50 1.63
N ASP C 346 14.25 -2.57 1.58
CA ASP C 346 14.17 -3.64 2.57
C ASP C 346 14.55 -3.14 3.95
N ASN C 347 14.04 -3.83 4.98
CA ASN C 347 14.26 -3.41 6.35
C ASN C 347 14.51 -4.58 7.30
N ASP C 348 14.95 -5.73 6.79
CA ASP C 348 15.18 -6.90 7.64
C ASP C 348 16.12 -6.61 8.79
N HIS C 349 16.97 -5.60 8.67
CA HIS C 349 17.98 -5.29 9.69
C HIS C 349 17.86 -3.85 10.19
N GLY C 350 16.73 -3.20 9.96
CA GLY C 350 16.54 -1.85 10.43
C GLY C 350 17.20 -0.78 9.59
N GLN C 351 17.72 -1.13 8.40
CA GLN C 351 18.46 -0.16 7.61
C GLN C 351 17.60 0.98 7.10
N GLN C 352 16.28 0.82 7.09
CA GLN C 352 15.39 1.93 6.75
C GLN C 352 15.39 3.03 7.81
N GLY C 353 15.67 2.67 9.06
CA GLY C 353 15.71 3.67 10.12
C GLY C 353 14.35 4.23 10.50
N ASN C 354 13.28 3.43 10.39
CA ASN C 354 11.95 3.86 10.79
C ASN C 354 11.54 3.29 12.14
N GLY C 355 12.51 2.85 12.96
CA GLY C 355 12.24 2.33 14.27
C GLY C 355 11.65 0.93 14.30
N THR C 356 11.43 0.32 13.14
CA THR C 356 10.85 -1.03 13.05
C THR C 356 11.68 -1.88 12.11
N THR C 357 11.17 -3.05 11.75
CA THR C 357 11.69 -3.82 10.63
C THR C 357 10.69 -3.89 9.48
N THR C 358 9.79 -2.93 9.39
CA THR C 358 8.82 -2.88 8.30
C THR C 358 9.43 -2.28 7.06
N VAL C 359 9.17 -2.92 5.90
CA VAL C 359 9.63 -2.42 4.62
C VAL C 359 9.07 -1.03 4.37
N ASN C 360 9.88 -0.17 3.74
CA ASN C 360 9.41 1.09 3.19
C ASN C 360 9.19 0.89 1.70
N ARG C 361 7.91 0.70 1.30
CA ARG C 361 7.61 0.56 -0.12
C ARG C 361 7.88 1.86 -0.88
N LYS C 362 7.75 3.00 -0.22
CA LYS C 362 7.89 4.31 -0.83
C LYS C 362 8.87 5.11 0.02
N PRO C 363 9.46 6.17 -0.54
CA PRO C 363 10.40 6.98 0.25
C PRO C 363 9.77 7.48 1.53
N THR C 364 10.44 7.24 2.65
CA THR C 364 9.89 7.49 3.97
C THR C 364 10.89 8.26 4.81
N LEU C 365 10.42 9.32 5.45
CA LEU C 365 11.28 10.14 6.31
C LEU C 365 11.92 9.29 7.38
N VAL C 366 13.24 9.40 7.48
CA VAL C 366 13.98 8.82 8.59
C VAL C 366 13.77 9.67 9.84
N GLN C 367 13.50 9.01 10.96
N GLN C 367 13.45 9.04 10.95
CA GLN C 367 13.15 9.70 12.21
CA GLN C 367 13.12 9.83 12.13
C GLN C 367 14.41 10.10 12.98
C GLN C 367 14.35 10.10 12.98
N GLY C 368 14.27 11.17 13.77
CA GLY C 368 15.30 11.53 14.73
C GLY C 368 16.33 12.56 14.28
N LEU C 369 16.30 13.01 13.03
CA LEU C 369 17.38 13.84 12.51
C LEU C 369 16.97 15.28 12.22
N GLU C 370 15.77 15.71 12.60
CA GLU C 370 15.37 17.09 12.35
C GLU C 370 16.25 18.04 13.16
N GLY C 371 16.72 19.11 12.50
CA GLY C 371 17.68 20.01 13.08
C GLY C 371 19.13 19.68 12.75
N GLN C 372 19.43 18.43 12.45
CA GLN C 372 20.71 18.06 11.86
C GLN C 372 20.62 18.29 10.37
N LYS C 373 21.36 19.29 9.86
CA LYS C 373 21.39 19.55 8.43
C LYS C 373 22.30 18.52 7.76
N ILE C 374 21.76 17.31 7.63
CA ILE C 374 22.44 16.26 6.89
C ILE C 374 22.73 16.74 5.49
N THR C 375 23.97 16.55 5.03
CA THR C 375 24.34 16.89 3.67
C THR C 375 24.79 15.70 2.84
N ARG C 376 25.09 14.57 3.45
CA ARG C 376 25.59 13.40 2.74
C ARG C 376 25.08 12.12 3.40
N VAL C 377 24.79 11.11 2.58
CA VAL C 377 24.43 9.78 3.06
C VAL C 377 25.31 8.72 2.42
N ALA C 378 25.35 7.56 3.06
CA ALA C 378 26.09 6.42 2.56
C ALA C 378 25.40 5.15 3.00
N CYS C 379 25.60 4.08 2.24
CA CYS C 379 25.06 2.78 2.57
C CYS C 379 26.12 1.71 2.36
N GLY C 380 26.08 0.70 3.23
CA GLY C 380 26.68 -0.58 2.97
C GLY C 380 25.61 -1.60 2.56
N SER C 381 26.01 -2.87 2.60
CA SER C 381 25.10 -3.95 2.21
C SER C 381 23.76 -3.83 2.92
N SER C 382 23.79 -3.72 4.25
CA SER C 382 22.56 -3.70 5.03
C SER C 382 22.61 -2.65 6.13
N HIS C 383 23.36 -1.56 5.93
CA HIS C 383 23.47 -0.53 6.94
C HIS C 383 23.53 0.84 6.28
N SER C 384 23.32 1.88 7.08
CA SER C 384 23.07 3.22 6.57
C SER C 384 23.82 4.25 7.40
N VAL C 385 24.17 5.36 6.74
CA VAL C 385 24.97 6.42 7.34
C VAL C 385 24.44 7.77 6.86
N ALA C 386 24.45 8.76 7.74
CA ALA C 386 24.18 10.15 7.39
C ALA C 386 25.13 11.02 8.20
N TRP C 387 25.61 12.10 7.59
CA TRP C 387 26.52 12.98 8.32
C TRP C 387 26.41 14.42 7.83
N THR C 388 26.91 15.33 8.66
CA THR C 388 26.76 16.77 8.46
C THR C 388 28.11 17.42 8.18
N THR C 389 28.03 18.60 7.58
CA THR C 389 29.17 19.47 7.26
C THR C 389 30.47 19.19 8.01
N ASP D 3 -8.78 10.18 7.72
CA ASP D 3 -8.79 9.16 8.80
C ASP D 3 -10.14 8.79 9.37
N ASP D 4 -10.97 8.05 8.65
CA ASP D 4 -12.13 7.32 9.16
C ASP D 4 -12.29 7.22 10.68
N ASP D 5 -11.20 7.13 11.42
CA ASP D 5 -11.26 7.01 12.87
C ASP D 5 -10.90 8.30 13.60
N LYS D 6 -10.73 9.40 12.86
CA LYS D 6 -10.54 10.71 13.47
C LYS D 6 -11.90 11.34 13.78
N ASP D 7 -12.04 11.87 14.99
CA ASP D 7 -13.23 12.63 15.33
C ASP D 7 -13.18 14.02 14.71
N GLU D 8 -14.37 14.57 14.47
CA GLU D 8 -14.50 15.97 14.09
C GLU D 8 -14.83 16.81 15.31
N ASP D 9 -14.21 17.98 15.43
CA ASP D 9 -14.58 18.92 16.49
C ASP D 9 -15.82 19.68 16.00
N THR D 10 -17.01 19.34 16.49
CA THR D 10 -18.28 20.00 16.09
C THR D 10 -18.31 21.45 16.61
N HIS D 11 -17.29 21.92 17.36
CA HIS D 11 -17.30 23.28 17.96
C HIS D 11 -18.62 23.50 18.73
N SER E 2 2.48 1.16 -33.92
CA SER E 2 2.26 -0.17 -33.36
C SER E 2 0.77 -0.47 -33.27
N ASP E 3 0.27 -0.69 -32.05
CA ASP E 3 -1.12 -1.06 -31.87
C ASP E 3 -2.00 0.17 -31.88
N ASP E 4 -3.08 0.07 -32.64
CA ASP E 4 -4.08 1.09 -32.95
C ASP E 4 -4.93 1.49 -31.77
N ASP E 5 -4.79 0.74 -30.66
CA ASP E 5 -5.66 0.88 -29.50
C ASP E 5 -4.97 1.49 -28.28
N LYS E 6 -3.66 1.74 -28.33
CA LYS E 6 -2.99 2.48 -27.27
C LYS E 6 -3.42 3.95 -27.37
N ASP E 7 -3.63 4.59 -26.23
CA ASP E 7 -3.95 6.02 -26.27
C ASP E 7 -2.68 6.84 -26.45
N GLU E 8 -2.86 8.09 -26.84
CA GLU E 8 -1.80 9.09 -26.79
C GLU E 8 -2.05 10.02 -25.60
N ASP E 9 -1.00 10.31 -24.85
CA ASP E 9 -1.07 11.30 -23.78
C ASP E 9 -0.81 12.65 -24.42
N THR E 10 -1.89 13.41 -24.63
CA THR E 10 -1.78 14.74 -25.24
C THR E 10 -1.36 15.81 -24.26
N HIS E 11 -1.02 15.45 -23.02
CA HIS E 11 -0.54 16.41 -22.03
C HIS E 11 0.87 16.04 -21.58
N ASP F 3 16.26 -12.96 -1.38
CA ASP F 3 17.20 -12.80 -2.48
C ASP F 3 18.55 -13.37 -2.10
N ASP F 4 19.42 -13.54 -3.10
CA ASP F 4 20.80 -13.88 -2.84
C ASP F 4 21.59 -12.68 -2.32
N ASP F 5 21.09 -11.47 -2.55
CA ASP F 5 21.75 -10.25 -2.12
C ASP F 5 21.31 -9.79 -0.73
N LYS F 6 20.69 -10.66 0.05
CA LYS F 6 20.30 -10.36 1.42
C LYS F 6 21.43 -10.74 2.37
N ASP F 7 21.79 -9.81 3.25
CA ASP F 7 22.61 -10.18 4.40
C ASP F 7 21.78 -11.04 5.36
N GLU F 8 22.48 -11.82 6.18
CA GLU F 8 21.84 -12.56 7.25
C GLU F 8 22.47 -12.17 8.58
N ASP F 9 21.65 -12.08 9.61
CA ASP F 9 22.16 -11.60 10.91
C ASP F 9 22.95 -12.71 11.59
#